data_3WD6
#
_entry.id   3WD6
#
_cell.length_a   75.861
_cell.length_b   89.894
_cell.length_c   182.149
_cell.angle_alpha   90.00
_cell.angle_beta   90.00
_cell.angle_gamma   90.00
#
_symmetry.space_group_name_H-M   'P 2 21 21'
#
loop_
_entity.id
_entity.type
_entity.pdbx_description
1 polymer 'Omega-class glutathione S-transferase'
2 non-polymer 'POTASSIUM ION'
3 non-polymer 1,2-ETHANEDIOL
4 non-polymer DI(HYDROXYETHYL)ETHER
5 non-polymer GLUTATHIONE
6 non-polymer 'IODIDE ION'
7 water water
#
_entity_poly.entity_id   1
_entity_poly.type   'polypeptide(L)'
_entity_poly.pdbx_seq_one_letter_code
;MSAIKDSRNINFNTKHLRKGDPLPPFNGKLRVYNMRYCPYAQRTILALNAKQIDYEVVNIDLIDKPEWLTTKSAFAKVPA
IEIAEDVTIYESLVTVEYLDEVYPKRPLLPQDPLKKALDKIIVEASAPIQSLFIKILKFSDTVNEEHVAAYHKALDFIQE
QLKNRGTVFLDGSEPGYADYMIWPWFERLRAFAHDERVRLEPSKYSLLLEYIDNMLKDSAVSQYLIPLEILAKFHEAYTK
KERPNYELLNECLKSF
;
_entity_poly.pdbx_strand_id   A,B,C,D
#
loop_
_chem_comp.id
_chem_comp.type
_chem_comp.name
_chem_comp.formula
EDO non-polymer 1,2-ETHANEDIOL 'C2 H6 O2'
GSH non-polymer GLUTATHIONE 'C10 H17 N3 O6 S'
IOD non-polymer 'IODIDE ION' 'I -1'
K non-polymer 'POTASSIUM ION' 'K 1'
PEG non-polymer DI(HYDROXYETHYL)ETHER 'C4 H10 O3'
#
# COMPACT_ATOMS: atom_id res chain seq x y z
N ASN A 9 -3.61 -16.78 6.06
CA ASN A 9 -4.73 -16.02 5.52
C ASN A 9 -5.94 -16.88 5.13
N ILE A 10 -5.69 -18.15 4.84
CA ILE A 10 -6.72 -19.02 4.29
C ILE A 10 -7.45 -19.81 5.38
N ASN A 11 -8.78 -19.89 5.29
CA ASN A 11 -9.53 -20.75 6.19
C ASN A 11 -9.72 -22.15 5.60
N PHE A 12 -9.07 -23.14 6.23
CA PHE A 12 -9.14 -24.52 5.76
C PHE A 12 -10.43 -25.21 6.18
N ASN A 13 -11.20 -24.55 7.05
CA ASN A 13 -12.30 -25.22 7.73
C ASN A 13 -13.67 -24.54 7.59
N THR A 14 -13.92 -23.97 6.42
CA THR A 14 -15.26 -23.49 6.09
C THR A 14 -16.19 -24.71 6.00
N LYS A 15 -17.50 -24.51 6.21
CA LYS A 15 -18.45 -25.62 6.24
C LYS A 15 -18.37 -26.48 4.96
N HIS A 16 -18.48 -27.80 5.12
CA HIS A 16 -18.58 -28.68 3.97
C HIS A 16 -19.98 -28.56 3.37
N LEU A 17 -20.06 -28.29 2.06
CA LEU A 17 -21.33 -27.99 1.43
C LEU A 17 -22.03 -29.28 1.02
N ARG A 18 -23.35 -29.31 1.20
CA ARG A 18 -24.16 -30.49 0.90
C ARG A 18 -25.19 -30.16 -0.18
N LYS A 19 -25.84 -31.19 -0.72
CA LYS A 19 -26.99 -31.00 -1.60
C LYS A 19 -27.95 -29.94 -1.02
N GLY A 20 -28.24 -28.92 -1.82
CA GLY A 20 -29.08 -27.81 -1.37
C GLY A 20 -28.28 -26.57 -1.02
N ASP A 21 -26.98 -26.76 -0.81
CA ASP A 21 -26.09 -25.64 -0.57
C ASP A 21 -25.86 -24.90 -1.87
N PRO A 22 -25.77 -23.56 -1.79
CA PRO A 22 -25.49 -22.77 -2.99
C PRO A 22 -24.01 -22.85 -3.39
N LEU A 23 -23.74 -22.78 -4.69
CA LEU A 23 -22.39 -22.72 -5.25
C LEU A 23 -21.83 -21.29 -5.17
N PRO A 24 -20.80 -21.06 -4.33
CA PRO A 24 -20.23 -19.70 -4.25
C PRO A 24 -19.69 -19.23 -5.61
N PRO A 25 -20.01 -17.99 -6.00
CA PRO A 25 -19.59 -17.46 -7.31
C PRO A 25 -18.06 -17.35 -7.41
N PHE A 26 -17.50 -17.66 -8.58
CA PHE A 26 -16.06 -17.48 -8.79
C PHE A 26 -15.70 -16.00 -8.58
N ASN A 27 -14.53 -15.74 -8.00
CA ASN A 27 -14.16 -14.38 -7.61
C ASN A 27 -12.72 -14.03 -7.99
N GLY A 28 -12.10 -14.87 -8.82
CA GLY A 28 -10.74 -14.62 -9.26
C GLY A 28 -9.68 -15.49 -8.58
N LYS A 29 -9.85 -15.76 -7.29
CA LYS A 29 -8.95 -16.64 -6.55
C LYS A 29 -9.02 -18.08 -7.07
N LEU A 30 -7.86 -18.68 -7.35
CA LEU A 30 -7.78 -20.12 -7.59
C LEU A 30 -8.49 -20.83 -6.44
N ARG A 31 -9.40 -21.74 -6.80
CA ARG A 31 -10.24 -22.40 -5.80
C ARG A 31 -10.05 -23.91 -5.81
N VAL A 32 -9.94 -24.48 -4.62
CA VAL A 32 -9.87 -25.93 -4.50
C VAL A 32 -11.17 -26.49 -3.95
N TYR A 33 -11.81 -27.40 -4.71
CA TYR A 33 -12.90 -28.22 -4.15
C TYR A 33 -12.26 -29.34 -3.35
N ASN A 34 -12.52 -29.34 -2.04
CA ASN A 34 -11.75 -30.13 -1.09
C ASN A 34 -12.67 -30.89 -0.14
N MET A 35 -12.13 -31.87 0.58
CA MET A 35 -12.71 -32.20 1.88
C MET A 35 -11.59 -32.45 2.89
N ARG A 36 -11.76 -31.87 4.08
CA ARG A 36 -10.68 -31.62 5.03
C ARG A 36 -9.86 -32.88 5.34
N TYR A 37 -10.52 -34.04 5.30
CA TYR A 37 -9.92 -35.29 5.72
C TYR A 37 -9.54 -36.12 4.50
N CYS A 38 -9.75 -35.57 3.31
CA CYS A 38 -9.36 -36.31 2.12
C CYS A 38 -7.84 -36.26 1.85
N PRO A 39 -7.16 -37.43 1.92
CA PRO A 39 -5.71 -37.35 1.67
C PRO A 39 -5.40 -36.94 0.24
N TYR A 40 -6.25 -37.36 -0.72
CA TYR A 40 -5.98 -37.03 -2.11
C TYR A 40 -6.03 -35.53 -2.32
N ALA A 41 -7.08 -34.91 -1.78
CA ALA A 41 -7.20 -33.46 -1.86
C ALA A 41 -6.04 -32.78 -1.11
N GLN A 42 -5.52 -33.43 -0.07
CA GLN A 42 -4.40 -32.86 0.70
C GLN A 42 -3.16 -32.61 -0.17
N ARG A 43 -2.95 -33.49 -1.16
CA ARG A 43 -1.87 -33.29 -2.13
C ARG A 43 -1.94 -31.92 -2.77
N THR A 44 -3.16 -31.50 -3.13
CA THR A 44 -3.33 -30.22 -3.81
C THR A 44 -3.05 -29.06 -2.84
N ILE A 45 -3.58 -29.14 -1.62
CA ILE A 45 -3.27 -28.16 -0.56
C ILE A 45 -1.76 -28.02 -0.28
N LEU A 46 -1.09 -29.16 -0.11
CA LEU A 46 0.35 -29.13 0.18
C LEU A 46 1.08 -28.38 -0.93
N ALA A 47 0.80 -28.76 -2.16
CA ALA A 47 1.44 -28.15 -3.30
C ALA A 47 1.20 -26.65 -3.27
N LEU A 48 -0.07 -26.26 -3.17
CA LEU A 48 -0.42 -24.83 -3.14
C LEU A 48 0.28 -24.12 -1.98
N ASN A 49 0.30 -24.74 -0.80
CA ASN A 49 1.01 -24.15 0.33
C ASN A 49 2.49 -23.96 0.06
N ALA A 50 3.15 -25.03 -0.36
CA ALA A 50 4.61 -24.98 -0.52
C ALA A 50 5.01 -23.91 -1.55
N LYS A 51 4.19 -23.76 -2.60
CA LYS A 51 4.48 -22.83 -3.69
C LYS A 51 3.98 -21.43 -3.38
N GLN A 52 3.25 -21.30 -2.28
CA GLN A 52 2.76 -19.99 -1.84
C GLN A 52 1.83 -19.37 -2.86
N ILE A 53 1.04 -20.21 -3.53
CA ILE A 53 0.00 -19.74 -4.43
C ILE A 53 -1.24 -19.36 -3.63
N ASP A 54 -1.74 -18.14 -3.83
CA ASP A 54 -2.99 -17.74 -3.17
C ASP A 54 -4.17 -18.56 -3.70
N TYR A 55 -5.03 -19.01 -2.80
CA TYR A 55 -6.19 -19.77 -3.20
C TYR A 55 -7.25 -19.73 -2.12
N GLU A 56 -8.41 -20.32 -2.43
CA GLU A 56 -9.51 -20.45 -1.50
C GLU A 56 -9.95 -21.91 -1.50
N VAL A 57 -10.59 -22.33 -0.41
CA VAL A 57 -11.04 -23.70 -0.27
C VAL A 57 -12.56 -23.74 -0.21
N VAL A 58 -13.18 -24.59 -1.00
CA VAL A 58 -14.58 -24.92 -0.84
C VAL A 58 -14.69 -26.39 -0.40
N ASN A 59 -15.19 -26.63 0.81
CA ASN A 59 -15.28 -27.99 1.32
C ASN A 59 -16.57 -28.71 0.93
N ILE A 60 -16.45 -30.00 0.62
CA ILE A 60 -17.59 -30.74 0.07
C ILE A 60 -17.95 -31.94 0.94
N ASP A 61 -19.20 -31.97 1.38
CA ASP A 61 -19.79 -33.14 2.05
C ASP A 61 -19.90 -34.28 1.04
N LEU A 62 -19.16 -35.37 1.25
CA LEU A 62 -19.07 -36.44 0.26
C LEU A 62 -20.13 -37.52 0.45
N ILE A 63 -20.95 -37.36 1.47
CA ILE A 63 -22.01 -38.31 1.76
C ILE A 63 -23.26 -37.78 1.09
N ASP A 64 -23.44 -36.47 1.21
CA ASP A 64 -24.58 -35.76 0.67
C ASP A 64 -24.06 -34.65 -0.26
N LYS A 65 -23.57 -35.07 -1.43
CA LYS A 65 -22.87 -34.17 -2.35
C LYS A 65 -23.74 -33.07 -2.88
N PRO A 66 -23.18 -31.86 -3.01
CA PRO A 66 -23.87 -30.77 -3.70
C PRO A 66 -24.22 -31.20 -5.13
N GLU A 67 -25.41 -30.78 -5.54
CA GLU A 67 -25.93 -31.07 -6.86
C GLU A 67 -24.97 -30.62 -7.98
N TRP A 68 -24.29 -29.48 -7.77
CA TRP A 68 -23.44 -28.85 -8.80
C TRP A 68 -21.97 -29.35 -8.86
N LEU A 69 -21.66 -30.41 -8.12
CA LEU A 69 -20.27 -30.85 -8.02
C LEU A 69 -19.70 -31.35 -9.34
N THR A 70 -20.42 -32.26 -10.00
CA THR A 70 -19.97 -32.88 -11.25
C THR A 70 -19.74 -31.83 -12.34
N THR A 71 -20.31 -30.65 -12.12
CA THR A 71 -20.07 -29.49 -12.96
C THR A 71 -18.62 -29.01 -12.85
N LYS A 72 -18.04 -29.22 -11.68
CA LYS A 72 -16.67 -28.80 -11.38
C LYS A 72 -15.71 -29.99 -11.40
N SER A 73 -16.23 -31.16 -11.02
CA SER A 73 -15.39 -32.37 -10.92
C SER A 73 -16.14 -33.59 -11.49
N ALA A 74 -15.86 -33.91 -12.75
CA ALA A 74 -16.65 -34.88 -13.49
C ALA A 74 -16.88 -36.23 -12.78
N PHE A 75 -15.88 -36.73 -12.05
CA PHE A 75 -16.04 -38.03 -11.41
C PHE A 75 -16.67 -37.94 -10.02
N ALA A 76 -17.26 -36.79 -9.71
CA ALA A 76 -17.80 -36.53 -8.36
C ALA A 76 -16.77 -36.79 -7.23
N LYS A 77 -15.50 -36.48 -7.51
CA LYS A 77 -14.45 -36.65 -6.51
C LYS A 77 -13.80 -35.33 -6.13
N VAL A 78 -13.09 -35.35 -5.00
CA VAL A 78 -12.15 -34.28 -4.65
C VAL A 78 -10.73 -34.86 -4.70
N PRO A 79 -9.72 -34.02 -4.95
CA PRO A 79 -9.85 -32.57 -5.19
C PRO A 79 -10.23 -32.23 -6.64
N ALA A 80 -10.67 -30.99 -6.81
CA ALA A 80 -10.68 -30.33 -8.10
C ALA A 80 -10.24 -28.88 -7.89
N ILE A 81 -9.45 -28.35 -8.84
CA ILE A 81 -9.17 -26.91 -8.83
C ILE A 81 -9.95 -26.19 -9.93
N GLU A 82 -10.30 -24.93 -9.67
CA GLU A 82 -10.99 -24.10 -10.65
C GLU A 82 -10.07 -22.92 -10.90
N ILE A 83 -9.53 -22.83 -12.12
CA ILE A 83 -8.46 -21.86 -12.38
C ILE A 83 -9.02 -20.59 -13.02
N ALA A 84 -10.28 -20.68 -13.43
CA ALA A 84 -11.03 -19.60 -14.07
C ALA A 84 -12.49 -20.04 -14.06
N GLU A 85 -13.43 -19.11 -14.33
CA GLU A 85 -14.83 -19.49 -14.20
C GLU A 85 -15.19 -20.68 -15.11
N ASP A 86 -15.72 -21.74 -14.52
CA ASP A 86 -16.12 -22.94 -15.26
C ASP A 86 -14.95 -23.61 -15.98
N VAL A 87 -13.73 -23.40 -15.48
CA VAL A 87 -12.57 -24.12 -16.00
C VAL A 87 -11.85 -24.83 -14.85
N THR A 88 -11.97 -26.16 -14.84
CA THR A 88 -11.51 -26.93 -13.70
C THR A 88 -10.64 -28.10 -14.09
N ILE A 89 -9.78 -28.49 -13.14
CA ILE A 89 -8.94 -29.68 -13.27
C ILE A 89 -9.22 -30.57 -12.06
N TYR A 90 -9.24 -31.88 -12.27
CA TYR A 90 -9.40 -32.79 -11.15
C TYR A 90 -8.46 -33.97 -11.32
N GLU A 91 -8.46 -34.86 -10.34
CA GLU A 91 -7.42 -35.89 -10.19
C GLU A 91 -6.20 -35.25 -9.55
N SER A 92 -5.96 -35.61 -8.29
CA SER A 92 -4.99 -34.92 -7.45
C SER A 92 -3.63 -34.73 -8.11
N LEU A 93 -3.08 -35.80 -8.69
CA LEU A 93 -1.77 -35.72 -9.32
C LEU A 93 -1.81 -34.88 -10.60
N VAL A 94 -2.97 -34.85 -11.24
CA VAL A 94 -3.12 -34.01 -12.42
C VAL A 94 -3.08 -32.53 -12.01
N THR A 95 -3.75 -32.22 -10.90
CA THR A 95 -3.80 -30.84 -10.44
C THR A 95 -2.42 -30.36 -10.02
N VAL A 96 -1.72 -31.19 -9.28
CA VAL A 96 -0.38 -30.81 -8.82
C VAL A 96 0.60 -30.61 -9.96
N GLU A 97 0.52 -31.45 -11.00
CA GLU A 97 1.43 -31.31 -12.14
C GLU A 97 1.13 -30.03 -12.93
N TYR A 98 -0.15 -29.69 -13.08
CA TYR A 98 -0.55 -28.40 -13.65
C TYR A 98 0.00 -27.17 -12.89
N LEU A 99 -0.13 -27.17 -11.55
CA LEU A 99 0.36 -26.06 -10.76
C LEU A 99 1.87 -25.92 -10.90
N ASP A 100 2.57 -27.05 -10.94
CA ASP A 100 4.03 -27.02 -11.05
C ASP A 100 4.48 -26.46 -12.41
N GLU A 101 3.71 -26.71 -13.47
CA GLU A 101 4.06 -26.22 -14.81
C GLU A 101 3.78 -24.71 -14.94
N VAL A 102 2.69 -24.28 -14.33
CA VAL A 102 2.21 -22.93 -14.53
C VAL A 102 2.76 -21.94 -13.49
N TYR A 103 3.08 -22.42 -12.30
CA TYR A 103 3.77 -21.57 -11.30
C TYR A 103 5.22 -22.02 -11.13
N PRO A 104 6.15 -21.28 -11.74
CA PRO A 104 7.56 -21.72 -11.82
C PRO A 104 8.31 -21.67 -10.48
N LYS A 105 7.96 -20.75 -9.59
CA LYS A 105 8.64 -20.71 -8.31
C LYS A 105 8.40 -21.94 -7.44
N ARG A 106 9.43 -22.31 -6.68
CA ARG A 106 9.40 -23.51 -5.85
C ARG A 106 8.95 -24.73 -6.66
N PRO A 107 9.74 -25.11 -7.67
CA PRO A 107 9.35 -26.27 -8.50
C PRO A 107 9.29 -27.56 -7.69
N LEU A 108 8.17 -28.29 -7.78
CA LEU A 108 8.01 -29.52 -7.03
C LEU A 108 8.64 -30.72 -7.74
N LEU A 109 8.53 -30.74 -9.07
CA LEU A 109 9.07 -31.83 -9.85
C LEU A 109 10.48 -31.47 -10.34
N PRO A 110 11.41 -32.43 -10.21
CA PRO A 110 12.74 -32.33 -10.82
C PRO A 110 12.62 -31.91 -12.28
N GLN A 111 13.52 -31.03 -12.72
CA GLN A 111 13.58 -30.64 -14.13
C GLN A 111 14.09 -31.79 -15.01
N ASP A 112 15.09 -32.52 -14.53
CA ASP A 112 15.64 -33.65 -15.30
C ASP A 112 14.65 -34.80 -15.46
N PRO A 113 14.37 -35.20 -16.71
CA PRO A 113 13.26 -36.15 -16.92
C PRO A 113 13.44 -37.46 -16.16
N LEU A 114 14.67 -37.92 -16.05
CA LEU A 114 14.94 -39.17 -15.36
C LEU A 114 14.62 -39.05 -13.87
N LYS A 115 15.09 -37.98 -13.23
CA LYS A 115 14.75 -37.68 -11.83
C LYS A 115 13.24 -37.48 -11.62
N LYS A 116 12.60 -36.79 -12.56
CA LYS A 116 11.15 -36.63 -12.54
C LYS A 116 10.50 -38.01 -12.47
N ALA A 117 10.93 -38.92 -13.34
CA ALA A 117 10.34 -40.25 -13.42
C ALA A 117 10.47 -40.97 -12.08
N LEU A 118 11.68 -40.97 -11.54
CA LEU A 118 11.96 -41.58 -10.23
C LEU A 118 11.00 -41.06 -9.16
N ASP A 119 10.78 -39.75 -9.13
CA ASP A 119 9.82 -39.21 -8.19
C ASP A 119 8.43 -39.81 -8.37
N LYS A 120 7.97 -39.95 -9.60
CA LYS A 120 6.63 -40.50 -9.84
C LYS A 120 6.55 -41.97 -9.44
N ILE A 121 7.64 -42.70 -9.69
CA ILE A 121 7.76 -44.08 -9.24
C ILE A 121 7.61 -44.14 -7.72
N ILE A 122 8.40 -43.34 -7.02
CA ILE A 122 8.27 -43.26 -5.58
C ILE A 122 6.81 -43.07 -5.14
N VAL A 123 6.11 -42.09 -5.72
CA VAL A 123 4.72 -41.88 -5.38
C VAL A 123 3.87 -43.14 -5.57
N GLU A 124 4.06 -43.82 -6.71
CA GLU A 124 3.34 -45.09 -6.99
C GLU A 124 3.67 -46.09 -5.93
N ALA A 125 4.93 -46.14 -5.53
CA ALA A 125 5.34 -47.02 -4.44
C ALA A 125 4.46 -46.89 -3.17
N SER A 126 3.74 -45.78 -2.99
CA SER A 126 2.90 -45.68 -1.79
C SER A 126 1.48 -46.27 -1.91
N ALA A 127 1.13 -46.81 -3.08
CA ALA A 127 -0.20 -47.41 -3.27
C ALA A 127 -0.58 -48.46 -2.20
N PRO A 128 0.34 -49.39 -1.87
CA PRO A 128 0.06 -50.41 -0.84
C PRO A 128 -0.26 -49.78 0.51
N ILE A 129 0.34 -48.62 0.78
CA ILE A 129 0.05 -47.88 2.01
C ILE A 129 -1.35 -47.28 1.94
N GLN A 130 -1.64 -46.63 0.81
CA GLN A 130 -2.97 -46.07 0.57
C GLN A 130 -3.98 -47.17 0.73
N SER A 131 -3.64 -48.36 0.26
CA SER A 131 -4.54 -49.51 0.26
C SER A 131 -4.78 -50.06 1.67
N LEU A 132 -3.72 -50.30 2.41
CA LEU A 132 -3.87 -50.80 3.77
C LEU A 132 -4.72 -49.85 4.62
N PHE A 133 -4.46 -48.55 4.50
CA PHE A 133 -5.15 -47.55 5.31
C PHE A 133 -6.65 -47.56 5.04
N ILE A 134 -7.05 -47.50 3.77
CA ILE A 134 -8.45 -47.54 3.43
C ILE A 134 -9.14 -48.88 3.77
N LYS A 135 -8.39 -49.99 3.75
CA LYS A 135 -8.95 -51.27 4.17
C LYS A 135 -9.16 -51.31 5.66
N ILE A 136 -8.15 -50.90 6.42
CA ILE A 136 -8.26 -50.91 7.87
C ILE A 136 -9.38 -50.01 8.32
N LEU A 137 -9.53 -48.91 7.60
CA LEU A 137 -10.54 -47.91 7.89
C LEU A 137 -11.97 -48.37 7.60
N LYS A 138 -12.21 -49.05 6.47
CA LYS A 138 -13.58 -49.32 5.99
C LYS A 138 -13.95 -50.79 5.78
N PHE A 139 -12.95 -51.68 5.73
CA PHE A 139 -13.18 -53.10 5.47
C PHE A 139 -12.25 -53.92 6.35
N SER A 140 -12.12 -53.48 7.61
CA SER A 140 -11.04 -53.91 8.49
C SER A 140 -10.94 -55.41 8.68
N ASP A 141 -12.09 -56.09 8.61
CA ASP A 141 -12.13 -57.53 8.84
C ASP A 141 -11.39 -58.29 7.72
N THR A 142 -11.41 -57.71 6.52
CA THR A 142 -10.83 -58.38 5.35
C THR A 142 -9.30 -58.19 5.24
N VAL A 143 -8.73 -57.37 6.12
CA VAL A 143 -7.28 -57.15 6.15
C VAL A 143 -6.48 -58.43 6.46
N ASN A 144 -5.71 -58.90 5.48
CA ASN A 144 -4.89 -60.10 5.65
C ASN A 144 -3.40 -59.76 5.72
N GLU A 145 -2.55 -60.78 5.65
CA GLU A 145 -1.11 -60.56 5.82
C GLU A 145 -0.34 -60.17 4.55
N GLU A 146 -0.91 -60.45 3.38
CA GLU A 146 -0.35 -59.92 2.14
C GLU A 146 -0.40 -58.39 2.13
N HIS A 147 -1.54 -57.85 2.57
CA HIS A 147 -1.71 -56.40 2.65
C HIS A 147 -0.65 -55.84 3.58
N VAL A 148 -0.58 -56.39 4.79
CA VAL A 148 0.42 -55.94 5.73
C VAL A 148 1.84 -56.07 5.17
N ALA A 149 2.14 -57.21 4.54
CA ALA A 149 3.47 -57.41 3.95
C ALA A 149 3.75 -56.41 2.80
N ALA A 150 2.77 -56.20 1.93
CA ALA A 150 2.93 -55.30 0.80
C ALA A 150 3.26 -53.89 1.31
N TYR A 151 2.50 -53.47 2.31
CA TYR A 151 2.70 -52.21 2.98
C TYR A 151 4.15 -52.06 3.48
N HIS A 152 4.69 -53.10 4.10
CA HIS A 152 6.07 -53.07 4.57
C HIS A 152 7.06 -53.01 3.43
N LYS A 153 6.75 -53.67 2.33
CA LYS A 153 7.58 -53.58 1.13
C LYS A 153 7.58 -52.14 0.69
N ALA A 154 6.41 -51.52 0.81
CA ALA A 154 6.22 -50.14 0.41
C ALA A 154 7.14 -49.24 1.24
N LEU A 155 7.07 -49.38 2.56
CA LEU A 155 7.92 -48.58 3.44
C LEU A 155 9.40 -48.85 3.16
N ASP A 156 9.78 -50.12 3.04
CA ASP A 156 11.17 -50.48 2.77
C ASP A 156 11.69 -49.74 1.56
N PHE A 157 10.91 -49.77 0.48
CA PHE A 157 11.33 -49.19 -0.79
C PHE A 157 11.54 -47.70 -0.62
N ILE A 158 10.58 -47.03 0.02
CA ILE A 158 10.64 -45.59 0.19
C ILE A 158 11.83 -45.17 1.06
N GLN A 159 11.95 -45.79 2.24
CA GLN A 159 13.11 -45.57 3.09
C GLN A 159 14.41 -45.74 2.34
N GLU A 160 14.52 -46.81 1.55
CA GLU A 160 15.75 -47.06 0.79
C GLU A 160 16.05 -45.92 -0.22
N GLN A 161 15.01 -45.42 -0.90
CA GLN A 161 15.21 -44.29 -1.79
C GLN A 161 15.79 -43.10 -1.03
N LEU A 162 15.21 -42.82 0.14
CA LEU A 162 15.71 -41.75 1.00
C LEU A 162 17.15 -42.06 1.42
N LYS A 163 17.39 -43.28 1.87
CA LYS A 163 18.74 -43.66 2.25
C LYS A 163 19.72 -43.42 1.11
N ASN A 164 19.40 -43.92 -0.08
CA ASN A 164 20.32 -43.76 -1.19
C ASN A 164 20.57 -42.30 -1.54
N ARG A 165 19.52 -41.48 -1.53
CA ARG A 165 19.67 -40.06 -1.90
C ARG A 165 20.47 -39.30 -0.84
N GLY A 166 20.41 -39.75 0.41
CA GLY A 166 21.20 -39.16 1.47
C GLY A 166 20.75 -37.79 1.93
N THR A 167 19.62 -37.31 1.42
CA THR A 167 19.18 -35.97 1.82
C THR A 167 18.13 -36.00 2.92
N VAL A 168 17.75 -34.84 3.42
CA VAL A 168 16.76 -34.76 4.48
C VAL A 168 15.43 -35.28 3.94
N PHE A 169 15.10 -34.87 2.72
CA PHE A 169 13.84 -35.21 2.09
C PHE A 169 14.08 -35.93 0.77
N LEU A 170 13.07 -36.64 0.29
CA LEU A 170 13.21 -37.33 -0.98
C LEU A 170 13.67 -36.36 -2.08
N ASP A 171 13.13 -35.15 -2.09
CA ASP A 171 13.47 -34.22 -3.17
C ASP A 171 14.65 -33.28 -2.88
N GLY A 172 15.28 -33.40 -1.71
CA GLY A 172 16.47 -32.64 -1.40
C GLY A 172 16.47 -32.13 0.03
N SER A 173 16.84 -30.87 0.25
CA SER A 173 16.77 -30.30 1.60
C SER A 173 15.38 -29.71 1.88
N GLU A 174 14.66 -29.36 0.82
CA GLU A 174 13.23 -29.02 0.90
C GLU A 174 12.36 -30.18 0.38
N PRO A 175 11.18 -30.42 1.00
CA PRO A 175 10.30 -31.45 0.43
C PRO A 175 9.83 -31.06 -0.97
N GLY A 176 9.68 -32.03 -1.84
CA GLY A 176 9.20 -31.78 -3.18
C GLY A 176 8.01 -32.67 -3.51
N TYR A 177 7.84 -32.97 -4.80
CA TYR A 177 6.65 -33.66 -5.29
C TYR A 177 6.51 -35.01 -4.63
N ALA A 178 7.60 -35.77 -4.66
CA ALA A 178 7.63 -37.12 -4.11
C ALA A 178 7.25 -37.06 -2.62
N ASP A 179 7.87 -36.16 -1.88
CA ASP A 179 7.55 -36.01 -0.48
C ASP A 179 6.09 -35.62 -0.29
N TYR A 180 5.67 -34.53 -0.92
CA TYR A 180 4.32 -34.02 -0.69
C TYR A 180 3.25 -34.99 -1.14
N MET A 181 3.51 -35.72 -2.23
CA MET A 181 2.44 -36.53 -2.84
C MET A 181 2.21 -37.85 -2.07
N ILE A 182 3.17 -38.22 -1.23
CA ILE A 182 2.96 -39.39 -0.38
C ILE A 182 2.65 -38.97 1.05
N TRP A 183 2.97 -37.72 1.39
CA TRP A 183 2.86 -37.26 2.77
C TRP A 183 1.52 -37.59 3.48
N PRO A 184 0.38 -37.41 2.78
CA PRO A 184 -0.89 -37.57 3.53
C PRO A 184 -1.02 -38.93 4.22
N TRP A 185 -0.44 -39.96 3.61
CA TRP A 185 -0.57 -41.28 4.20
C TRP A 185 0.34 -41.42 5.40
N PHE A 186 1.52 -40.82 5.33
CA PHE A 186 2.34 -40.74 6.53
C PHE A 186 1.67 -39.96 7.67
N GLU A 187 0.95 -38.88 7.32
CA GLU A 187 0.26 -38.11 8.34
C GLU A 187 -0.72 -39.02 9.06
N ARG A 188 -1.37 -39.89 8.29
CA ARG A 188 -2.39 -40.79 8.80
C ARG A 188 -1.78 -41.98 9.54
N LEU A 189 -0.63 -42.45 9.08
CA LEU A 189 0.05 -43.59 9.72
C LEU A 189 0.20 -43.30 11.22
N ARG A 190 0.47 -42.04 11.54
CA ARG A 190 0.63 -41.58 12.92
C ARG A 190 -0.57 -41.95 13.81
N ALA A 191 -1.79 -41.88 13.26
CA ALA A 191 -2.99 -42.21 14.04
C ALA A 191 -3.28 -43.70 14.08
N PHE A 192 -2.66 -44.46 13.19
CA PHE A 192 -2.82 -45.92 13.23
C PHE A 192 -1.68 -46.53 14.02
N ALA A 193 -0.84 -45.70 14.62
CA ALA A 193 0.36 -46.18 15.28
C ALA A 193 0.12 -47.06 16.52
N HIS A 194 -1.14 -47.33 16.88
CA HIS A 194 -1.38 -48.34 17.95
C HIS A 194 -2.28 -49.47 17.50
N ASP A 195 -2.41 -49.61 16.19
CA ASP A 195 -2.86 -50.85 15.57
C ASP A 195 -1.56 -51.59 15.27
N GLU A 196 -1.53 -52.89 15.54
CA GLU A 196 -0.27 -53.64 15.55
C GLU A 196 0.25 -53.88 14.12
N ARG A 197 -0.68 -53.85 13.17
CA ARG A 197 -0.40 -54.12 11.76
C ARG A 197 0.21 -52.90 11.06
N VAL A 198 0.31 -51.79 11.78
CA VAL A 198 0.79 -50.53 11.20
C VAL A 198 2.02 -50.00 11.93
N ARG A 199 2.08 -50.17 13.24
CA ARG A 199 3.15 -49.60 14.06
C ARG A 199 4.51 -49.93 13.45
N LEU A 200 5.43 -48.97 13.48
CA LEU A 200 6.74 -49.16 12.87
C LEU A 200 7.79 -49.52 13.90
N GLU A 201 8.48 -50.64 13.69
CA GLU A 201 9.59 -51.03 14.55
C GLU A 201 10.70 -49.99 14.39
N PRO A 202 11.05 -49.33 15.50
CA PRO A 202 11.96 -48.16 15.46
C PRO A 202 13.39 -48.45 15.06
N SER A 203 13.85 -49.70 15.10
CA SER A 203 15.18 -49.97 14.56
C SER A 203 15.12 -50.03 13.04
N LYS A 204 14.25 -50.92 12.52
CA LYS A 204 14.04 -51.07 11.09
C LYS A 204 13.70 -49.73 10.40
N TYR A 205 12.84 -48.93 11.02
CA TYR A 205 12.33 -47.76 10.33
C TYR A 205 12.78 -46.43 10.93
N SER A 206 13.92 -46.45 11.60
CA SER A 206 14.37 -45.23 12.26
C SER A 206 14.60 -44.07 11.27
N LEU A 207 15.07 -44.38 10.08
CA LEU A 207 15.30 -43.31 9.11
C LEU A 207 13.97 -42.73 8.66
N LEU A 208 12.99 -43.61 8.40
CA LEU A 208 11.67 -43.18 7.97
C LEU A 208 10.94 -42.40 9.09
N LEU A 209 11.06 -42.89 10.32
CA LEU A 209 10.47 -42.20 11.45
C LEU A 209 11.08 -40.82 11.65
N GLU A 210 12.37 -40.70 11.40
CA GLU A 210 13.05 -39.41 11.47
C GLU A 210 12.54 -38.44 10.38
N TYR A 211 12.42 -38.97 9.16
CA TYR A 211 11.91 -38.22 8.02
C TYR A 211 10.49 -37.72 8.31
N ILE A 212 9.66 -38.56 8.91
CA ILE A 212 8.31 -38.14 9.24
C ILE A 212 8.34 -36.95 10.22
N ASP A 213 9.16 -37.03 11.27
CA ASP A 213 9.33 -35.89 12.18
C ASP A 213 9.72 -34.61 11.47
N ASN A 214 10.67 -34.70 10.53
CA ASN A 214 11.09 -33.53 9.79
C ASN A 214 9.95 -32.98 8.92
N MET A 215 9.17 -33.89 8.32
CA MET A 215 8.08 -33.42 7.46
C MET A 215 7.04 -32.57 8.24
N LEU A 216 6.74 -33.01 9.45
CA LEU A 216 5.81 -32.33 10.35
C LEU A 216 6.21 -30.88 10.55
N LYS A 217 7.50 -30.60 10.39
CA LYS A 217 7.98 -29.23 10.63
C LYS A 217 8.01 -28.38 9.36
N ASP A 218 7.75 -29.00 8.20
CA ASP A 218 7.68 -28.21 6.97
C ASP A 218 6.40 -27.35 6.98
N SER A 219 6.52 -26.06 6.69
CA SER A 219 5.35 -25.17 6.87
C SER A 219 4.16 -25.51 5.98
N ALA A 220 4.40 -26.18 4.85
CA ALA A 220 3.29 -26.59 3.98
C ALA A 220 2.49 -27.67 4.69
N VAL A 221 3.20 -28.54 5.42
CA VAL A 221 2.57 -29.58 6.19
C VAL A 221 1.93 -29.03 7.47
N SER A 222 2.69 -28.26 8.25
CA SER A 222 2.25 -27.93 9.61
C SER A 222 0.99 -27.09 9.67
N GLN A 223 0.82 -26.20 8.70
CA GLN A 223 -0.31 -25.27 8.77
C GLN A 223 -1.62 -26.00 8.45
N TYR A 224 -1.52 -27.19 7.86
CA TYR A 224 -2.71 -27.97 7.49
C TYR A 224 -2.89 -29.23 8.36
N LEU A 225 -1.98 -29.48 9.29
CA LEU A 225 -2.07 -30.68 10.15
C LEU A 225 -3.45 -30.84 10.80
N ILE A 226 -3.92 -32.08 10.87
CA ILE A 226 -5.09 -32.39 11.66
C ILE A 226 -4.64 -32.87 13.05
N PRO A 227 -5.03 -32.16 14.13
CA PRO A 227 -4.66 -32.67 15.46
C PRO A 227 -5.04 -34.15 15.60
N LEU A 228 -4.12 -34.98 16.09
CA LEU A 228 -4.31 -36.44 16.04
C LEU A 228 -5.56 -36.97 16.76
N GLU A 229 -5.98 -36.33 17.84
CA GLU A 229 -7.17 -36.78 18.53
C GLU A 229 -8.39 -36.50 17.66
N ILE A 230 -8.35 -35.41 16.89
CA ILE A 230 -9.45 -35.13 15.97
C ILE A 230 -9.50 -36.14 14.83
N LEU A 231 -8.32 -36.51 14.33
CA LEU A 231 -8.26 -37.43 13.19
C LEU A 231 -8.75 -38.81 13.63
N ALA A 232 -8.32 -39.24 14.81
CA ALA A 232 -8.79 -40.50 15.39
C ALA A 232 -10.30 -40.48 15.59
N LYS A 233 -10.84 -39.36 16.09
CA LYS A 233 -12.29 -39.25 16.25
C LYS A 233 -12.94 -39.47 14.88
N PHE A 234 -12.49 -38.70 13.89
CA PHE A 234 -13.03 -38.80 12.55
C PHE A 234 -13.01 -40.25 12.05
N HIS A 235 -11.84 -40.86 12.05
CA HIS A 235 -11.71 -42.26 11.63
C HIS A 235 -12.69 -43.16 12.36
N GLU A 236 -12.98 -42.82 13.62
CA GLU A 236 -13.86 -43.65 14.44
C GLU A 236 -15.20 -43.86 13.74
N ALA A 237 -15.79 -42.78 13.21
CA ALA A 237 -17.05 -42.90 12.50
C ALA A 237 -17.04 -44.04 11.49
N TYR A 238 -15.95 -44.17 10.74
CA TYR A 238 -15.87 -45.19 9.70
C TYR A 238 -15.87 -46.59 10.27
N THR A 239 -15.09 -46.79 11.31
CA THR A 239 -14.93 -48.12 11.90
C THR A 239 -16.23 -48.56 12.56
N LYS A 240 -17.10 -47.59 12.87
CA LYS A 240 -18.40 -47.88 13.43
C LYS A 240 -19.49 -47.86 12.36
N LYS A 241 -19.13 -47.45 11.16
CA LYS A 241 -20.07 -47.31 10.05
C LYS A 241 -21.01 -46.11 10.26
N GLU A 242 -20.59 -45.17 11.09
CA GLU A 242 -21.36 -43.95 11.38
C GLU A 242 -21.32 -42.96 10.22
N ARG A 243 -22.22 -41.98 10.27
CA ARG A 243 -22.21 -40.89 9.31
C ARG A 243 -21.10 -39.92 9.71
N PRO A 244 -20.25 -39.56 8.73
CA PRO A 244 -19.07 -38.74 9.07
C PRO A 244 -19.49 -37.38 9.61
N ASN A 245 -18.73 -36.89 10.58
CA ASN A 245 -18.83 -35.50 11.00
C ASN A 245 -17.67 -34.73 10.36
N TYR A 246 -17.99 -33.91 9.37
CA TYR A 246 -16.99 -33.13 8.65
C TYR A 246 -16.66 -31.81 9.36
N GLU A 247 -17.25 -31.54 10.51
CA GLU A 247 -17.07 -30.24 11.14
C GLU A 247 -16.30 -30.26 12.47
N LEU A 248 -15.70 -31.40 12.78
CA LEU A 248 -14.91 -31.49 14.01
C LEU A 248 -13.96 -30.29 14.19
N LEU A 249 -13.43 -29.73 13.12
CA LEU A 249 -12.52 -28.58 13.25
C LEU A 249 -13.17 -27.22 13.17
N ASN A 250 -14.50 -27.18 13.22
CA ASN A 250 -15.21 -25.94 12.96
C ASN A 250 -16.36 -25.69 13.95
N ILE B 10 -14.00 -4.53 -32.48
CA ILE B 10 -13.03 -3.67 -31.80
C ILE B 10 -12.08 -4.52 -30.94
N ASN B 11 -10.79 -4.51 -31.29
CA ASN B 11 -9.79 -5.22 -30.49
C ASN B 11 -9.38 -4.41 -29.25
N PHE B 12 -9.87 -4.82 -28.08
CA PHE B 12 -9.53 -4.11 -26.85
C PHE B 12 -8.11 -4.39 -26.40
N ASN B 13 -7.53 -5.48 -26.91
CA ASN B 13 -6.30 -6.03 -26.35
C ASN B 13 -5.11 -5.87 -27.30
N THR B 14 -5.10 -4.71 -27.95
CA THR B 14 -3.96 -4.19 -28.68
C THR B 14 -2.78 -4.03 -27.70
N LYS B 15 -1.56 -4.22 -28.21
CA LYS B 15 -0.38 -4.09 -27.34
C LYS B 15 -0.33 -2.70 -26.74
N HIS B 16 0.02 -2.61 -25.47
CA HIS B 16 0.18 -1.32 -24.80
C HIS B 16 1.50 -0.68 -25.22
N LEU B 17 1.41 0.46 -25.91
CA LEU B 17 2.62 1.10 -26.44
C LEU B 17 3.45 1.74 -25.33
N ARG B 18 4.76 1.58 -25.44
CA ARG B 18 5.67 2.20 -24.49
C ARG B 18 6.67 3.08 -25.23
N LYS B 19 7.55 3.74 -24.48
CA LYS B 19 8.62 4.55 -25.05
C LYS B 19 9.34 3.80 -26.20
N GLY B 20 9.42 4.45 -27.35
CA GLY B 20 10.06 3.83 -28.49
C GLY B 20 9.08 3.36 -29.55
N ASP B 21 7.86 3.03 -29.11
CA ASP B 21 6.82 2.66 -30.07
C ASP B 21 6.33 3.88 -30.82
N PRO B 22 6.18 3.72 -32.14
CA PRO B 22 5.65 4.76 -33.03
C PRO B 22 4.17 5.02 -32.75
N LEU B 23 3.76 6.28 -32.91
CA LEU B 23 2.37 6.68 -32.85
C LEU B 23 1.67 6.34 -34.17
N PRO B 24 0.66 5.44 -34.12
CA PRO B 24 -0.13 5.12 -35.32
C PRO B 24 -0.85 6.38 -35.77
N PRO B 25 -0.84 6.68 -37.08
CA PRO B 25 -1.49 7.91 -37.54
C PRO B 25 -3.01 7.91 -37.34
N PHE B 26 -3.58 9.06 -37.01
CA PHE B 26 -5.04 9.20 -36.98
C PHE B 26 -5.62 8.82 -38.34
N ASN B 27 -6.72 8.08 -38.34
CA ASN B 27 -7.31 7.57 -39.57
C ASN B 27 -8.78 7.95 -39.70
N GLY B 28 -9.26 8.81 -38.80
CA GLY B 28 -10.62 9.31 -38.88
C GLY B 28 -11.55 8.62 -37.89
N LYS B 29 -11.23 7.38 -37.51
CA LYS B 29 -12.01 6.67 -36.51
C LYS B 29 -11.75 7.31 -35.15
N LEU B 30 -12.82 7.56 -34.39
CA LEU B 30 -12.67 8.04 -33.01
C LEU B 30 -11.69 7.12 -32.28
N ARG B 31 -10.73 7.71 -31.57
CA ARG B 31 -9.68 6.91 -30.94
C ARG B 31 -9.62 7.11 -29.42
N VAL B 32 -9.55 6.00 -28.67
CA VAL B 32 -9.32 6.08 -27.23
C VAL B 32 -7.89 5.68 -26.88
N TYR B 33 -7.15 6.59 -26.24
CA TYR B 33 -5.91 6.21 -25.61
C TYR B 33 -6.26 5.63 -24.24
N ASN B 34 -5.89 4.36 -24.04
CA ASN B 34 -6.50 3.53 -23.01
C ASN B 34 -5.43 2.77 -22.23
N MET B 35 -5.83 2.18 -21.11
CA MET B 35 -4.99 1.19 -20.46
C MET B 35 -5.96 0.13 -19.92
N ARG B 36 -5.76 -1.12 -20.35
CA ARG B 36 -6.79 -2.16 -20.23
C ARG B 36 -7.36 -2.33 -18.81
N TYR B 37 -6.57 -1.96 -17.82
CA TYR B 37 -6.93 -2.18 -16.43
C TYR B 37 -7.29 -0.87 -15.76
N CYS B 38 -7.33 0.21 -16.55
CA CYS B 38 -7.63 1.53 -15.99
C CYS B 38 -9.14 1.83 -15.80
N PRO B 39 -9.58 1.97 -14.55
CA PRO B 39 -11.01 2.20 -14.30
C PRO B 39 -11.48 3.55 -14.82
N TYR B 40 -10.61 4.56 -14.81
CA TYR B 40 -11.02 5.84 -15.39
C TYR B 40 -11.20 5.73 -16.90
N ALA B 41 -10.31 5.02 -17.57
CA ALA B 41 -10.47 4.86 -19.01
C ALA B 41 -11.65 3.95 -19.37
N GLN B 42 -11.99 3.03 -18.47
CA GLN B 42 -13.11 2.13 -18.73
C GLN B 42 -14.42 2.94 -18.90
N ARG B 43 -14.54 4.04 -18.16
CA ARG B 43 -15.69 4.94 -18.29
C ARG B 43 -15.92 5.33 -19.74
N THR B 44 -14.87 5.85 -20.37
CA THR B 44 -14.92 6.22 -21.77
C THR B 44 -15.37 5.05 -22.62
N ILE B 45 -14.77 3.88 -22.36
CA ILE B 45 -15.09 2.67 -23.11
C ILE B 45 -16.58 2.32 -22.98
N LEU B 46 -17.06 2.36 -21.74
CA LEU B 46 -18.43 1.94 -21.43
C LEU B 46 -19.43 2.82 -22.14
N ALA B 47 -19.21 4.12 -22.08
CA ALA B 47 -20.06 5.07 -22.76
C ALA B 47 -19.99 4.83 -24.26
N LEU B 48 -18.79 4.60 -24.79
CA LEU B 48 -18.68 4.31 -26.23
C LEU B 48 -19.42 3.02 -26.56
N ASN B 49 -19.22 1.97 -25.76
CA ASN B 49 -19.92 0.73 -26.02
C ASN B 49 -21.42 0.94 -26.05
N ALA B 50 -21.93 1.65 -25.04
CA ALA B 50 -23.38 1.76 -24.88
C ALA B 50 -24.02 2.54 -26.05
N LYS B 51 -23.37 3.63 -26.44
CA LYS B 51 -23.88 4.49 -27.50
C LYS B 51 -23.76 3.87 -28.88
N GLN B 52 -23.07 2.74 -28.98
CA GLN B 52 -22.92 2.09 -30.28
C GLN B 52 -22.08 2.95 -31.23
N ILE B 53 -21.16 3.72 -30.66
CA ILE B 53 -20.25 4.53 -31.46
C ILE B 53 -19.06 3.67 -31.94
N ASP B 54 -18.66 3.84 -33.20
CA ASP B 54 -17.48 3.12 -33.71
C ASP B 54 -16.20 3.82 -33.27
N TYR B 55 -15.20 3.03 -32.90
CA TYR B 55 -13.94 3.61 -32.42
C TYR B 55 -12.84 2.58 -32.38
N GLU B 56 -11.63 3.06 -32.10
CA GLU B 56 -10.49 2.18 -31.99
C GLU B 56 -9.80 2.44 -30.66
N VAL B 57 -8.96 1.50 -30.26
CA VAL B 57 -8.29 1.61 -28.99
C VAL B 57 -6.79 1.54 -29.22
N VAL B 58 -6.06 2.56 -28.75
CA VAL B 58 -4.61 2.42 -28.64
C VAL B 58 -4.27 2.30 -27.18
N ASN B 59 -3.76 1.14 -26.77
CA ASN B 59 -3.41 0.92 -25.37
C ASN B 59 -2.05 1.53 -25.01
N ILE B 60 -1.86 1.86 -23.74
CA ILE B 60 -0.73 2.66 -23.33
C ILE B 60 -0.04 2.09 -22.10
N ASP B 61 1.24 1.75 -22.24
CA ASP B 61 2.06 1.37 -21.11
C ASP B 61 2.29 2.59 -20.23
N LEU B 62 1.91 2.52 -18.96
CA LEU B 62 2.03 3.70 -18.10
C LEU B 62 3.31 3.67 -17.25
N ILE B 63 4.12 2.63 -17.42
CA ILE B 63 5.40 2.56 -16.74
C ILE B 63 6.42 3.28 -17.59
N ASP B 64 6.68 2.73 -18.77
CA ASP B 64 7.52 3.38 -19.75
C ASP B 64 6.61 4.04 -20.79
N LYS B 65 6.13 5.24 -20.46
CA LYS B 65 5.19 5.95 -21.31
C LYS B 65 5.81 6.35 -22.65
N PRO B 66 5.05 6.15 -23.75
CA PRO B 66 5.46 6.72 -25.03
C PRO B 66 5.73 8.23 -24.88
N GLU B 67 6.76 8.71 -25.56
CA GLU B 67 7.19 10.11 -25.46
C GLU B 67 6.21 11.08 -26.12
N TRP B 68 5.39 10.57 -27.04
CA TRP B 68 4.35 11.37 -27.69
C TRP B 68 3.04 11.54 -26.86
N LEU B 69 2.89 10.73 -25.82
CA LEU B 69 1.64 10.70 -25.05
C LEU B 69 1.08 12.07 -24.64
N THR B 70 1.94 12.96 -24.11
CA THR B 70 1.45 14.25 -23.62
C THR B 70 0.96 15.15 -24.75
N THR B 71 1.37 14.80 -25.96
CA THR B 71 0.87 15.47 -27.16
C THR B 71 -0.63 15.21 -27.34
N LYS B 72 -1.09 14.04 -26.88
CA LYS B 72 -2.50 13.64 -26.99
C LYS B 72 -3.24 13.89 -25.68
N SER B 73 -2.53 13.77 -24.55
CA SER B 73 -3.12 13.85 -23.23
C SER B 73 -2.16 14.60 -22.32
N ALA B 74 -2.47 15.87 -22.07
CA ALA B 74 -1.50 16.79 -21.47
C ALA B 74 -1.00 16.39 -20.07
N PHE B 75 -1.85 15.75 -19.26
CA PHE B 75 -1.42 15.34 -17.92
C PHE B 75 -0.69 13.98 -17.93
N ALA B 76 -0.58 13.39 -19.12
CA ALA B 76 0.08 12.09 -19.29
C ALA B 76 -0.74 10.97 -18.62
N LYS B 77 -2.06 11.19 -18.60
CA LYS B 77 -2.99 10.18 -18.10
C LYS B 77 -3.85 9.58 -19.21
N VAL B 78 -4.43 8.42 -18.89
CA VAL B 78 -5.54 7.91 -19.69
C VAL B 78 -6.79 7.98 -18.82
N PRO B 79 -7.97 8.13 -19.42
CA PRO B 79 -8.16 8.07 -20.88
C PRO B 79 -7.96 9.40 -21.58
N ALA B 80 -7.79 9.34 -22.89
CA ALA B 80 -7.95 10.50 -23.73
C ALA B 80 -8.63 10.03 -25.02
N ILE B 81 -9.49 10.86 -25.59
CA ILE B 81 -10.00 10.57 -26.95
C ILE B 81 -9.52 11.58 -28.00
N GLU B 82 -9.25 11.07 -29.20
CA GLU B 82 -8.89 11.92 -30.33
C GLU B 82 -10.06 11.85 -31.29
N ILE B 83 -10.61 13.03 -31.62
CA ILE B 83 -11.88 13.13 -32.34
C ILE B 83 -11.67 13.74 -33.70
N ALA B 84 -10.45 14.27 -33.91
CA ALA B 84 -9.94 14.72 -35.21
C ALA B 84 -8.42 14.78 -35.11
N GLU B 85 -7.73 15.06 -36.21
CA GLU B 85 -6.26 15.09 -36.21
C GLU B 85 -5.70 16.08 -35.19
N ASP B 86 -4.91 15.57 -34.24
CA ASP B 86 -4.32 16.39 -33.17
C ASP B 86 -5.37 17.17 -32.38
N VAL B 87 -6.60 16.63 -32.30
CA VAL B 87 -7.65 17.24 -31.50
C VAL B 87 -8.14 16.25 -30.42
N THR B 88 -7.74 16.50 -29.17
CA THR B 88 -7.99 15.53 -28.11
C THR B 88 -8.74 16.10 -26.89
N ILE B 89 -9.40 15.20 -26.17
CA ILE B 89 -10.06 15.55 -24.93
C ILE B 89 -9.60 14.50 -23.93
N TYR B 90 -9.31 14.91 -22.71
CA TYR B 90 -8.93 13.95 -21.69
C TYR B 90 -9.64 14.32 -20.40
N GLU B 91 -9.41 13.53 -19.34
CA GLU B 91 -10.26 13.51 -18.12
C GLU B 91 -11.55 12.71 -18.37
N SER B 92 -11.63 11.54 -17.75
CA SER B 92 -12.67 10.55 -18.09
C SER B 92 -14.05 11.18 -18.23
N LEU B 93 -14.51 11.83 -17.15
CA LEU B 93 -15.87 12.39 -17.09
C LEU B 93 -16.07 13.41 -18.19
N VAL B 94 -15.02 14.20 -18.45
CA VAL B 94 -15.06 15.20 -19.50
C VAL B 94 -15.30 14.52 -20.85
N THR B 95 -14.58 13.42 -21.10
CA THR B 95 -14.74 12.74 -22.37
C THR B 95 -16.12 12.18 -22.46
N VAL B 96 -16.65 11.69 -21.34
CA VAL B 96 -17.98 11.07 -21.42
C VAL B 96 -19.05 12.13 -21.69
N GLU B 97 -18.99 13.25 -20.99
CA GLU B 97 -19.91 14.37 -21.20
C GLU B 97 -19.87 14.92 -22.65
N TYR B 98 -18.66 15.03 -23.23
CA TYR B 98 -18.52 15.44 -24.63
C TYR B 98 -19.27 14.49 -25.56
N LEU B 99 -19.01 13.20 -25.42
CA LEU B 99 -19.66 12.22 -26.26
C LEU B 99 -21.18 12.29 -26.12
N ASP B 100 -21.66 12.55 -24.91
CA ASP B 100 -23.11 12.56 -24.69
C ASP B 100 -23.76 13.78 -25.36
N GLU B 101 -23.00 14.87 -25.51
CA GLU B 101 -23.52 16.08 -26.14
C GLU B 101 -23.48 15.99 -27.67
N VAL B 102 -22.50 15.26 -28.18
CA VAL B 102 -22.20 15.24 -29.61
C VAL B 102 -22.87 14.06 -30.29
N TYR B 103 -23.06 12.97 -29.55
CA TYR B 103 -23.81 11.82 -30.06
C TYR B 103 -25.13 11.67 -29.29
N PRO B 104 -26.22 12.23 -29.83
CA PRO B 104 -27.48 12.34 -29.07
C PRO B 104 -28.14 10.99 -28.75
N LYS B 105 -28.04 10.01 -29.64
CA LYS B 105 -28.66 8.71 -29.40
C LYS B 105 -28.14 7.97 -28.17
N ARG B 106 -29.05 7.27 -27.50
CA ARG B 106 -28.74 6.57 -26.24
C ARG B 106 -28.16 7.57 -25.22
N PRO B 107 -28.93 8.61 -24.90
CA PRO B 107 -28.48 9.63 -23.92
C PRO B 107 -28.13 9.01 -22.56
N LEU B 108 -26.95 9.33 -22.02
CA LEU B 108 -26.52 8.81 -20.73
C LEU B 108 -26.91 9.74 -19.56
N LEU B 109 -26.81 11.05 -19.80
CA LEU B 109 -27.27 12.05 -18.85
C LEU B 109 -28.73 12.47 -19.04
N PRO B 110 -29.47 12.67 -17.94
CA PRO B 110 -30.84 13.19 -18.04
C PRO B 110 -30.83 14.59 -18.61
N GLN B 111 -31.83 14.89 -19.41
CA GLN B 111 -32.06 16.19 -19.96
C GLN B 111 -32.24 17.20 -18.85
N ASP B 112 -33.13 16.86 -17.95
CA ASP B 112 -33.51 17.71 -16.82
C ASP B 112 -32.32 18.09 -15.95
N PRO B 113 -32.01 19.39 -15.88
CA PRO B 113 -30.89 19.96 -15.12
C PRO B 113 -30.81 19.38 -13.70
N LEU B 114 -31.95 19.27 -13.02
CA LEU B 114 -31.93 18.77 -11.64
C LEU B 114 -31.49 17.31 -11.57
N LYS B 115 -32.14 16.44 -12.33
CA LYS B 115 -31.80 15.02 -12.38
C LYS B 115 -30.36 14.80 -12.86
N LYS B 116 -29.93 15.64 -13.82
CA LYS B 116 -28.55 15.60 -14.29
C LYS B 116 -27.58 15.77 -13.12
N ALA B 117 -27.85 16.77 -12.28
CA ALA B 117 -26.99 17.10 -11.15
C ALA B 117 -26.92 15.97 -10.12
N LEU B 118 -28.09 15.38 -9.82
CA LEU B 118 -28.17 14.20 -8.95
C LEU B 118 -27.25 13.07 -9.47
N ASP B 119 -27.28 12.82 -10.77
CA ASP B 119 -26.42 11.79 -11.33
C ASP B 119 -24.95 12.05 -11.03
N LYS B 120 -24.49 13.28 -11.29
CA LYS B 120 -23.09 13.63 -11.01
C LYS B 120 -22.81 13.56 -9.51
N ILE B 121 -23.79 13.95 -8.68
CA ILE B 121 -23.61 13.82 -7.23
C ILE B 121 -23.35 12.35 -6.89
N ILE B 122 -24.16 11.47 -7.45
CA ILE B 122 -24.02 10.05 -7.22
C ILE B 122 -22.61 9.54 -7.60
N VAL B 123 -22.11 9.98 -8.75
CA VAL B 123 -20.79 9.58 -9.19
C VAL B 123 -19.72 10.07 -8.21
N GLU B 124 -19.86 11.32 -7.76
CA GLU B 124 -18.93 11.84 -6.76
C GLU B 124 -19.01 10.98 -5.51
N ALA B 125 -20.23 10.49 -5.21
CA ALA B 125 -20.42 9.68 -4.01
C ALA B 125 -19.55 8.43 -4.03
N SER B 126 -19.08 8.04 -5.22
CA SER B 126 -18.25 6.85 -5.35
C SER B 126 -16.77 7.10 -5.02
N ALA B 127 -16.42 8.37 -4.84
CA ALA B 127 -15.03 8.77 -4.55
C ALA B 127 -14.37 7.93 -3.45
N PRO B 128 -15.05 7.75 -2.30
CA PRO B 128 -14.45 6.91 -1.25
C PRO B 128 -14.24 5.45 -1.69
N ILE B 129 -15.00 4.96 -2.67
CA ILE B 129 -14.73 3.64 -3.19
C ILE B 129 -13.47 3.66 -4.05
N GLN B 130 -13.35 4.65 -4.94
CA GLN B 130 -12.16 4.73 -5.79
C GLN B 130 -10.91 4.81 -4.93
N SER B 131 -10.96 5.72 -3.95
CA SER B 131 -9.89 5.92 -2.98
C SER B 131 -9.49 4.64 -2.25
N LEU B 132 -10.47 3.94 -1.66
CA LEU B 132 -10.14 2.74 -0.92
C LEU B 132 -9.56 1.65 -1.83
N PHE B 133 -10.12 1.46 -3.03
CA PHE B 133 -9.62 0.44 -3.95
C PHE B 133 -8.10 0.63 -4.17
N ILE B 134 -7.72 1.85 -4.59
CA ILE B 134 -6.32 2.16 -4.90
C ILE B 134 -5.41 2.07 -3.67
N LYS B 135 -5.87 2.56 -2.53
CA LYS B 135 -5.15 2.39 -1.25
C LYS B 135 -4.81 0.92 -0.99
N ILE B 136 -5.82 0.07 -1.01
CA ILE B 136 -5.60 -1.35 -0.79
C ILE B 136 -4.63 -1.92 -1.80
N LEU B 137 -4.62 -1.34 -2.99
CA LEU B 137 -3.80 -1.83 -4.09
C LEU B 137 -2.31 -1.52 -3.92
N LYS B 138 -1.99 -0.30 -3.51
CA LYS B 138 -0.60 0.13 -3.33
C LYS B 138 -0.24 0.18 -1.84
N PHE B 139 -0.61 1.29 -1.20
CA PHE B 139 -0.32 1.51 0.22
C PHE B 139 -1.27 0.78 1.16
N SER B 140 -1.38 -0.55 1.01
CA SER B 140 -2.37 -1.35 1.73
C SER B 140 -2.26 -1.37 3.27
N ASP B 141 -1.25 -0.69 3.81
CA ASP B 141 -1.04 -0.72 5.26
C ASP B 141 -1.45 0.61 5.89
N THR B 142 -1.65 1.61 5.04
CA THR B 142 -2.13 2.92 5.46
C THR B 142 -3.65 2.92 5.67
N VAL B 143 -4.29 1.77 5.46
CA VAL B 143 -5.75 1.71 5.45
C VAL B 143 -6.39 1.92 6.84
N ASN B 144 -6.95 3.11 7.06
CA ASN B 144 -7.64 3.45 8.32
C ASN B 144 -8.91 2.63 8.53
N GLU B 145 -9.42 2.63 9.75
CA GLU B 145 -10.82 2.29 9.96
C GLU B 145 -11.69 3.41 9.37
N GLU B 146 -11.06 4.57 9.15
CA GLU B 146 -11.72 5.77 8.63
C GLU B 146 -11.98 5.68 7.10
N HIS B 147 -11.00 5.21 6.34
CA HIS B 147 -11.19 4.95 4.91
C HIS B 147 -12.25 3.86 4.69
N VAL B 148 -12.31 2.89 5.60
CA VAL B 148 -13.27 1.80 5.53
C VAL B 148 -14.70 2.28 5.86
N ALA B 149 -14.86 2.97 6.97
CA ALA B 149 -16.16 3.57 7.28
C ALA B 149 -16.65 4.43 6.10
N ALA B 150 -15.76 5.27 5.56
CA ALA B 150 -16.13 6.14 4.45
C ALA B 150 -16.63 5.34 3.23
N TYR B 151 -15.92 4.26 2.91
CA TYR B 151 -16.32 3.36 1.82
C TYR B 151 -17.72 2.75 2.07
N HIS B 152 -17.98 2.29 3.29
CA HIS B 152 -19.32 1.77 3.61
C HIS B 152 -20.40 2.84 3.54
N LYS B 153 -20.01 4.08 3.80
CA LYS B 153 -20.95 5.19 3.73
C LYS B 153 -21.32 5.45 2.28
N ALA B 154 -20.33 5.26 1.42
CA ALA B 154 -20.47 5.42 -0.03
C ALA B 154 -21.48 4.40 -0.59
N LEU B 155 -21.26 3.14 -0.23
CA LEU B 155 -22.16 2.06 -0.61
C LEU B 155 -23.60 2.34 -0.14
N ASP B 156 -23.76 2.75 1.12
CA ASP B 156 -25.11 3.01 1.67
C ASP B 156 -25.83 4.07 0.86
N PHE B 157 -25.13 5.17 0.60
CA PHE B 157 -25.69 6.29 -0.11
C PHE B 157 -26.12 5.86 -1.50
N ILE B 158 -25.21 5.16 -2.20
CA ILE B 158 -25.50 4.73 -3.56
C ILE B 158 -26.65 3.71 -3.62
N GLN B 159 -26.68 2.80 -2.64
CA GLN B 159 -27.74 1.81 -2.59
C GLN B 159 -29.07 2.47 -2.27
N GLU B 160 -29.03 3.50 -1.44
CA GLU B 160 -30.22 4.22 -1.07
C GLU B 160 -30.84 4.91 -2.27
N GLN B 161 -30.01 5.50 -3.13
CA GLN B 161 -30.49 6.13 -4.36
C GLN B 161 -31.22 5.11 -5.25
N LEU B 162 -30.59 3.95 -5.44
CA LEU B 162 -31.19 2.88 -6.24
C LEU B 162 -32.55 2.49 -5.67
N LYS B 163 -32.59 2.25 -4.36
CA LYS B 163 -33.83 1.92 -3.69
C LYS B 163 -34.90 3.00 -3.94
N ASN B 164 -34.58 4.24 -3.62
CA ASN B 164 -35.57 5.29 -3.79
C ASN B 164 -36.05 5.40 -5.24
N ARG B 165 -35.13 5.24 -6.19
CA ARG B 165 -35.51 5.30 -7.60
C ARG B 165 -36.40 4.13 -7.96
N GLY B 166 -36.15 2.97 -7.37
CA GLY B 166 -36.99 1.80 -7.59
C GLY B 166 -36.82 1.09 -8.92
N THR B 167 -35.84 1.50 -9.72
CA THR B 167 -35.65 0.92 -11.05
C THR B 167 -34.53 -0.14 -11.03
N VAL B 168 -34.33 -0.82 -12.16
CA VAL B 168 -33.26 -1.82 -12.26
C VAL B 168 -31.88 -1.18 -12.12
N PHE B 169 -31.70 -0.01 -12.74
CA PHE B 169 -30.45 0.71 -12.65
C PHE B 169 -30.72 2.13 -12.20
N LEU B 170 -29.65 2.82 -11.80
CA LEU B 170 -29.77 4.19 -11.35
C LEU B 170 -30.46 5.08 -12.36
N ASP B 171 -30.13 4.92 -13.63
CA ASP B 171 -30.73 5.76 -14.66
C ASP B 171 -31.96 5.13 -15.30
N GLY B 172 -32.47 4.05 -14.71
CA GLY B 172 -33.74 3.51 -15.19
C GLY B 172 -33.69 2.05 -15.58
N SER B 173 -34.32 1.67 -16.69
CA SER B 173 -34.29 0.24 -17.05
C SER B 173 -33.03 -0.11 -17.81
N GLU B 174 -32.38 0.92 -18.38
CA GLU B 174 -31.02 0.83 -18.96
C GLU B 174 -30.04 1.60 -18.07
N PRO B 175 -28.80 1.07 -17.95
CA PRO B 175 -27.75 1.81 -17.25
C PRO B 175 -27.47 3.13 -17.98
N GLY B 176 -27.25 4.21 -17.24
CA GLY B 176 -26.81 5.45 -17.85
C GLY B 176 -25.53 5.97 -17.20
N TYR B 177 -25.38 7.29 -17.26
CA TYR B 177 -24.17 7.94 -16.78
C TYR B 177 -23.82 7.52 -15.34
N ALA B 178 -24.78 7.65 -14.42
CA ALA B 178 -24.49 7.36 -13.03
C ALA B 178 -24.05 5.91 -12.85
N ASP B 179 -24.69 4.99 -13.58
CA ASP B 179 -24.33 3.60 -13.51
C ASP B 179 -22.94 3.33 -14.07
N TYR B 180 -22.70 3.79 -15.30
CA TYR B 180 -21.47 3.48 -15.99
C TYR B 180 -20.28 4.21 -15.36
N MET B 181 -20.48 5.43 -14.87
CA MET B 181 -19.35 6.18 -14.34
C MET B 181 -18.82 5.58 -13.01
N ILE B 182 -19.63 4.75 -12.35
CA ILE B 182 -19.14 4.08 -11.14
C ILE B 182 -18.90 2.58 -11.35
N TRP B 183 -19.50 2.02 -12.39
CA TRP B 183 -19.36 0.59 -12.60
C TRP B 183 -17.93 0.04 -12.40
N PRO B 184 -16.91 0.69 -12.98
CA PRO B 184 -15.58 0.08 -12.95
C PRO B 184 -15.11 -0.35 -11.55
N TRP B 185 -15.48 0.41 -10.52
CA TRP B 185 -15.06 0.07 -9.18
C TRP B 185 -15.90 -1.09 -8.61
N PHE B 186 -17.17 -1.16 -9.04
CA PHE B 186 -17.95 -2.37 -8.73
C PHE B 186 -17.45 -3.61 -9.44
N GLU B 187 -17.08 -3.48 -10.71
CA GLU B 187 -16.48 -4.59 -11.40
C GLU B 187 -15.30 -5.14 -10.59
N ARG B 188 -14.43 -4.26 -10.10
CA ARG B 188 -13.21 -4.70 -9.40
C ARG B 188 -13.46 -5.20 -7.96
N LEU B 189 -14.54 -4.69 -7.37
CA LEU B 189 -14.94 -5.06 -6.02
C LEU B 189 -15.16 -6.56 -5.92
N ARG B 190 -15.65 -7.16 -7.00
CA ARG B 190 -15.82 -8.60 -7.07
C ARG B 190 -14.54 -9.38 -6.75
N ALA B 191 -13.38 -8.76 -6.96
CA ALA B 191 -12.11 -9.48 -6.77
C ALA B 191 -11.62 -9.53 -5.32
N PHE B 192 -12.38 -8.90 -4.41
CA PHE B 192 -12.00 -8.75 -3.00
C PHE B 192 -12.95 -9.51 -2.07
N ALA B 193 -13.37 -10.70 -2.47
CA ALA B 193 -14.34 -11.47 -1.70
C ALA B 193 -13.82 -11.90 -0.32
N HIS B 194 -12.50 -11.96 -0.17
CA HIS B 194 -11.93 -12.42 1.09
C HIS B 194 -11.30 -11.28 1.89
N ASP B 195 -11.58 -10.04 1.49
CA ASP B 195 -11.14 -8.88 2.26
C ASP B 195 -12.31 -8.28 3.06
N GLU B 196 -12.28 -8.53 4.37
CA GLU B 196 -13.36 -8.11 5.26
C GLU B 196 -13.70 -6.60 5.14
N ARG B 197 -12.70 -5.79 4.78
CA ARG B 197 -12.89 -4.36 4.63
C ARG B 197 -13.72 -3.99 3.40
N VAL B 198 -13.81 -4.88 2.42
CA VAL B 198 -14.44 -4.60 1.13
C VAL B 198 -15.71 -5.42 0.89
N ARG B 199 -15.62 -6.71 1.22
CA ARG B 199 -16.71 -7.69 1.12
C ARG B 199 -18.08 -7.06 1.36
N LEU B 200 -19.07 -7.45 0.56
CA LEU B 200 -20.43 -7.00 0.82
C LEU B 200 -21.21 -8.04 1.65
N GLU B 201 -21.75 -7.61 2.79
CA GLU B 201 -22.67 -8.45 3.56
C GLU B 201 -24.03 -8.51 2.86
N PRO B 202 -24.42 -9.71 2.39
CA PRO B 202 -25.74 -9.89 1.74
C PRO B 202 -26.89 -9.35 2.57
N SER B 203 -26.79 -9.41 3.89
CA SER B 203 -27.78 -8.75 4.75
C SER B 203 -27.91 -7.27 4.38
N LYS B 204 -26.85 -6.49 4.64
CA LYS B 204 -26.85 -5.05 4.39
C LYS B 204 -26.93 -4.64 2.91
N TYR B 205 -26.36 -5.42 2.00
CA TYR B 205 -26.22 -4.92 0.62
C TYR B 205 -26.86 -5.76 -0.49
N SER B 206 -27.87 -6.55 -0.15
CA SER B 206 -28.45 -7.45 -1.14
C SER B 206 -28.89 -6.69 -2.39
N LEU B 207 -29.43 -5.48 -2.20
CA LEU B 207 -29.88 -4.68 -3.34
C LEU B 207 -28.68 -4.39 -4.26
N LEU B 208 -27.63 -3.82 -3.69
CA LEU B 208 -26.41 -3.55 -4.45
C LEU B 208 -25.91 -4.77 -5.19
N LEU B 209 -25.86 -5.90 -4.50
CA LEU B 209 -25.37 -7.12 -5.11
C LEU B 209 -26.24 -7.57 -6.29
N GLU B 210 -27.56 -7.38 -6.18
CA GLU B 210 -28.46 -7.71 -7.28
C GLU B 210 -28.19 -6.79 -8.50
N TYR B 211 -28.02 -5.51 -8.21
CA TYR B 211 -27.67 -4.50 -9.20
C TYR B 211 -26.40 -4.92 -9.94
N ILE B 212 -25.37 -5.30 -9.18
CA ILE B 212 -24.11 -5.71 -9.76
C ILE B 212 -24.31 -6.89 -10.72
N ASP B 213 -25.12 -7.87 -10.32
CA ASP B 213 -25.37 -9.01 -11.19
C ASP B 213 -26.08 -8.58 -12.47
N ASN B 214 -26.99 -7.61 -12.35
CA ASN B 214 -27.65 -7.03 -13.53
C ASN B 214 -26.68 -6.24 -14.42
N MET B 215 -25.83 -5.40 -13.82
CA MET B 215 -24.83 -4.67 -14.62
C MET B 215 -23.97 -5.63 -15.46
N LEU B 216 -23.55 -6.75 -14.87
CA LEU B 216 -22.70 -7.71 -15.57
C LEU B 216 -23.35 -8.21 -16.86
N LYS B 217 -24.67 -8.11 -16.93
CA LYS B 217 -25.35 -8.58 -18.14
C LYS B 217 -25.54 -7.48 -19.16
N ASP B 218 -25.27 -6.24 -18.77
CA ASP B 218 -25.35 -5.15 -19.75
C ASP B 218 -24.24 -5.31 -20.79
N SER B 219 -24.62 -5.29 -22.06
CA SER B 219 -23.66 -5.55 -23.13
C SER B 219 -22.48 -4.55 -23.19
N ALA B 220 -22.65 -3.32 -22.68
CA ALA B 220 -21.52 -2.40 -22.73
C ALA B 220 -20.49 -2.89 -21.72
N VAL B 221 -21.00 -3.49 -20.64
CA VAL B 221 -20.17 -4.07 -19.61
C VAL B 221 -19.58 -5.43 -20.02
N SER B 222 -20.43 -6.35 -20.43
CA SER B 222 -19.97 -7.72 -20.69
C SER B 222 -18.88 -7.79 -21.78
N GLN B 223 -19.03 -6.97 -22.82
CA GLN B 223 -18.04 -6.84 -23.89
C GLN B 223 -16.62 -6.68 -23.37
N TYR B 224 -16.47 -6.05 -22.22
CA TYR B 224 -15.18 -5.52 -21.81
C TYR B 224 -14.76 -6.08 -20.45
N LEU B 225 -15.56 -7.00 -19.91
CA LEU B 225 -15.21 -7.61 -18.64
C LEU B 225 -13.80 -8.22 -18.62
N ILE B 226 -13.07 -7.98 -17.54
CA ILE B 226 -11.82 -8.69 -17.31
C ILE B 226 -12.12 -9.96 -16.49
N PRO B 227 -11.60 -11.11 -16.95
CA PRO B 227 -11.78 -12.36 -16.18
C PRO B 227 -11.16 -12.20 -14.78
N LEU B 228 -11.93 -12.51 -13.73
CA LEU B 228 -11.48 -12.17 -12.39
C LEU B 228 -10.07 -12.66 -12.03
N GLU B 229 -9.66 -13.83 -12.55
CA GLU B 229 -8.32 -14.35 -12.25
C GLU B 229 -7.22 -13.53 -12.94
N ILE B 230 -7.53 -12.97 -14.11
CA ILE B 230 -6.58 -12.05 -14.77
C ILE B 230 -6.47 -10.79 -13.94
N LEU B 231 -7.62 -10.30 -13.48
CA LEU B 231 -7.67 -9.09 -12.67
C LEU B 231 -6.90 -9.28 -11.38
N ALA B 232 -7.09 -10.43 -10.74
CA ALA B 232 -6.37 -10.72 -9.50
C ALA B 232 -4.88 -10.68 -9.75
N LYS B 233 -4.43 -11.43 -10.75
CA LYS B 233 -3.03 -11.49 -11.12
C LYS B 233 -2.51 -10.06 -11.32
N PHE B 234 -3.09 -9.35 -12.26
CA PHE B 234 -2.70 -7.97 -12.52
C PHE B 234 -2.54 -7.15 -11.21
N HIS B 235 -3.48 -7.29 -10.27
CA HIS B 235 -3.37 -6.63 -8.97
C HIS B 235 -2.16 -7.11 -8.16
N GLU B 236 -1.88 -8.42 -8.25
CA GLU B 236 -0.78 -9.04 -7.50
C GLU B 236 0.58 -8.44 -7.86
N ALA B 237 0.62 -7.58 -8.87
CA ALA B 237 1.86 -6.89 -9.21
C ALA B 237 2.02 -5.63 -8.38
N TYR B 238 0.92 -4.88 -8.19
CA TYR B 238 0.96 -3.68 -7.36
C TYR B 238 1.27 -4.00 -5.90
N THR B 239 0.59 -5.00 -5.36
CA THR B 239 1.08 -5.66 -4.16
C THR B 239 2.27 -6.47 -4.69
N LYS B 240 3.32 -6.65 -3.90
CA LYS B 240 4.56 -7.24 -4.43
C LYS B 240 5.36 -6.18 -5.18
N LYS B 241 4.75 -5.02 -5.42
CA LYS B 241 5.38 -3.92 -6.14
C LYS B 241 6.22 -4.36 -7.34
N GLU B 242 5.82 -5.45 -7.99
CA GLU B 242 6.45 -5.85 -9.23
C GLU B 242 6.01 -4.92 -10.36
N ARG B 243 6.62 -5.11 -11.52
CA ARG B 243 6.29 -4.31 -12.69
C ARG B 243 5.03 -4.86 -13.36
N PRO B 244 4.07 -3.98 -13.66
CA PRO B 244 2.83 -4.37 -14.35
C PRO B 244 3.06 -5.12 -15.68
N ASN B 245 2.46 -6.30 -15.84
CA ASN B 245 2.35 -6.95 -17.14
C ASN B 245 1.01 -6.60 -17.84
N TYR B 246 1.06 -5.68 -18.80
CA TYR B 246 -0.17 -5.22 -19.44
C TYR B 246 -0.70 -6.18 -20.50
N GLU B 247 -0.03 -7.31 -20.70
CA GLU B 247 -0.41 -8.14 -21.83
C GLU B 247 -1.03 -9.46 -21.40
N LEU B 248 -1.52 -9.49 -20.18
CA LEU B 248 -2.14 -10.71 -19.66
C LEU B 248 -3.24 -11.25 -20.55
N LEU B 249 -4.04 -10.37 -21.15
CA LEU B 249 -5.10 -10.82 -22.06
C LEU B 249 -4.63 -10.89 -23.52
N ASN B 250 -3.32 -11.07 -23.72
CA ASN B 250 -2.76 -11.03 -25.07
C ASN B 250 -1.54 -11.95 -25.27
N ILE C 10 -26.20 42.03 -0.48
CA ILE C 10 -26.05 40.67 0.04
C ILE C 10 -24.94 40.59 1.09
N ASN C 11 -25.29 40.17 2.31
CA ASN C 11 -24.31 40.10 3.38
C ASN C 11 -23.49 38.79 3.38
N PHE C 12 -22.30 38.85 2.80
CA PHE C 12 -21.42 37.69 2.73
C PHE C 12 -20.83 37.33 4.08
N ASN C 13 -21.01 38.21 5.06
CA ASN C 13 -20.33 38.03 6.33
C ASN C 13 -21.22 37.72 7.54
N THR C 14 -22.44 37.25 7.31
CA THR C 14 -23.29 36.81 8.41
C THR C 14 -22.61 35.72 9.23
N LYS C 15 -23.27 35.26 10.29
CA LYS C 15 -22.64 34.34 11.22
C LYS C 15 -22.45 32.92 10.64
N HIS C 16 -21.23 32.39 10.74
CA HIS C 16 -21.03 30.98 10.43
C HIS C 16 -21.70 30.11 11.52
N LEU C 17 -22.91 29.61 11.21
CA LEU C 17 -23.73 28.92 12.21
C LEU C 17 -23.03 27.68 12.80
N ARG C 18 -23.30 27.43 14.09
CA ARG C 18 -22.60 26.38 14.85
C ARG C 18 -23.61 25.37 15.38
N LYS C 19 -23.11 24.23 15.84
CA LYS C 19 -23.95 23.32 16.61
C LYS C 19 -24.71 24.14 17.63
N GLY C 20 -26.04 24.11 17.54
CA GLY C 20 -26.88 24.85 18.47
C GLY C 20 -27.74 25.88 17.78
N ASP C 21 -27.22 26.49 16.72
CA ASP C 21 -28.00 27.48 15.96
C ASP C 21 -29.05 26.82 15.06
N PRO C 22 -30.30 27.30 15.16
CA PRO C 22 -31.38 26.66 14.41
C PRO C 22 -31.19 26.87 12.92
N LEU C 23 -31.97 26.14 12.13
CA LEU C 23 -31.91 26.22 10.69
C LEU C 23 -32.93 27.24 10.21
N PRO C 24 -32.45 28.33 9.58
CA PRO C 24 -33.28 29.43 9.09
C PRO C 24 -34.34 28.96 8.10
N PRO C 25 -35.63 29.06 8.48
CA PRO C 25 -36.69 28.63 7.56
C PRO C 25 -36.46 29.20 6.17
N PHE C 26 -36.77 28.42 5.15
CA PHE C 26 -36.64 28.88 3.77
C PHE C 26 -37.55 30.10 3.56
N ASN C 27 -37.05 31.10 2.85
CA ASN C 27 -37.85 32.30 2.61
C ASN C 27 -37.88 32.75 1.16
N GLY C 28 -38.34 31.86 0.29
CA GLY C 28 -38.58 32.21 -1.10
C GLY C 28 -37.39 32.59 -1.98
N LYS C 29 -36.19 32.61 -1.41
CA LYS C 29 -35.01 32.97 -2.20
C LYS C 29 -34.17 31.75 -2.55
N LEU C 30 -33.32 31.85 -3.56
CA LEU C 30 -32.28 30.84 -3.75
C LEU C 30 -31.27 30.96 -2.60
N ARG C 31 -30.89 29.83 -2.01
CA ARG C 31 -29.99 29.83 -0.84
C ARG C 31 -28.67 29.08 -1.07
N VAL C 32 -27.55 29.70 -0.70
CA VAL C 32 -26.25 29.07 -0.72
C VAL C 32 -25.75 28.75 0.70
N TYR C 33 -25.47 27.48 0.98
CA TYR C 33 -24.86 27.13 2.26
C TYR C 33 -23.35 27.30 2.12
N ASN C 34 -22.81 28.27 2.84
CA ASN C 34 -21.48 28.75 2.53
C ASN C 34 -20.54 28.73 3.72
N MET C 35 -19.25 28.84 3.42
CA MET C 35 -18.26 29.26 4.41
C MET C 35 -17.32 30.26 3.72
N ARG C 36 -17.20 31.45 4.32
CA ARG C 36 -16.57 32.63 3.71
C ARG C 36 -15.21 32.35 3.07
N TYR C 37 -14.43 31.44 3.67
CA TYR C 37 -13.07 31.17 3.20
C TYR C 37 -12.94 29.86 2.43
N CYS C 38 -14.08 29.28 2.01
CA CYS C 38 -14.05 28.08 1.17
C CYS C 38 -13.94 28.43 -0.32
N PRO C 39 -12.78 28.13 -0.93
CA PRO C 39 -12.64 28.39 -2.36
C PRO C 39 -13.65 27.58 -3.19
N TYR C 40 -14.06 26.41 -2.70
CA TYR C 40 -15.01 25.61 -3.47
C TYR C 40 -16.35 26.31 -3.51
N ALA C 41 -16.81 26.79 -2.36
CA ALA C 41 -18.07 27.52 -2.28
C ALA C 41 -17.98 28.87 -3.02
N GLN C 42 -16.78 29.45 -3.01
CA GLN C 42 -16.52 30.70 -3.74
C GLN C 42 -16.94 30.55 -5.21
N ARG C 43 -16.71 29.36 -5.78
CA ARG C 43 -17.12 29.08 -7.15
C ARG C 43 -18.59 29.37 -7.38
N THR C 44 -19.44 28.93 -6.45
CA THR C 44 -20.88 29.11 -6.59
C THR C 44 -21.22 30.59 -6.43
N ILE C 45 -20.62 31.22 -5.42
CA ILE C 45 -20.72 32.67 -5.23
C ILE C 45 -20.32 33.42 -6.51
N LEU C 46 -19.10 33.17 -6.99
CA LEU C 46 -18.59 33.85 -8.18
C LEU C 46 -19.58 33.73 -9.33
N ALA C 47 -20.10 32.52 -9.52
CA ALA C 47 -21.01 32.26 -10.63
C ALA C 47 -22.33 33.01 -10.44
N LEU C 48 -22.86 32.98 -9.22
CA LEU C 48 -24.10 33.69 -8.90
C LEU C 48 -23.98 35.20 -9.10
N ASN C 49 -22.87 35.77 -8.65
CA ASN C 49 -22.59 37.19 -8.84
C ASN C 49 -22.56 37.60 -10.31
N ALA C 50 -21.71 36.93 -11.10
CA ALA C 50 -21.54 37.33 -12.50
C ALA C 50 -22.84 37.20 -13.28
N LYS C 51 -23.73 36.32 -12.81
CA LYS C 51 -25.01 36.07 -13.49
C LYS C 51 -26.11 36.98 -12.95
N GLN C 52 -25.83 37.60 -11.81
CA GLN C 52 -26.79 38.47 -11.13
C GLN C 52 -28.09 37.78 -10.76
N ILE C 53 -28.00 36.47 -10.55
CA ILE C 53 -29.05 35.72 -9.90
C ILE C 53 -29.20 36.29 -8.48
N ASP C 54 -30.40 36.27 -7.93
CA ASP C 54 -30.62 36.81 -6.59
C ASP C 54 -30.65 35.70 -5.52
N TYR C 55 -29.82 35.82 -4.50
CA TYR C 55 -29.71 34.78 -3.48
C TYR C 55 -29.36 35.30 -2.08
N GLU C 56 -29.69 34.48 -1.08
CA GLU C 56 -29.27 34.71 0.30
C GLU C 56 -28.11 33.75 0.64
N VAL C 57 -27.32 34.09 1.65
CA VAL C 57 -26.16 33.27 2.04
C VAL C 57 -26.31 32.77 3.48
N VAL C 58 -26.22 31.46 3.69
CA VAL C 58 -26.12 30.96 5.04
C VAL C 58 -24.72 30.43 5.24
N ASN C 59 -24.02 30.95 6.24
CA ASN C 59 -22.64 30.51 6.51
C ASN C 59 -22.55 29.45 7.59
N ILE C 60 -21.52 28.61 7.50
CA ILE C 60 -21.43 27.45 8.36
C ILE C 60 -20.04 27.29 8.97
N ASP C 61 -19.99 27.12 10.28
CA ASP C 61 -18.75 26.76 10.95
C ASP C 61 -18.47 25.28 10.67
N LEU C 62 -17.37 24.99 10.00
CA LEU C 62 -17.13 23.61 9.57
C LEU C 62 -16.47 22.73 10.63
N ILE C 63 -15.80 23.35 11.60
CA ILE C 63 -15.20 22.62 12.72
C ILE C 63 -16.31 22.15 13.65
N ASP C 64 -17.33 23.01 13.79
CA ASP C 64 -18.39 22.86 14.76
C ASP C 64 -19.73 22.98 14.02
N LYS C 65 -19.90 22.16 12.98
CA LYS C 65 -21.08 22.29 12.11
C LYS C 65 -22.37 21.70 12.67
N PRO C 66 -23.47 22.44 12.48
CA PRO C 66 -24.82 22.02 12.84
C PRO C 66 -25.19 20.74 12.10
N GLU C 67 -25.73 19.74 12.80
CA GLU C 67 -26.04 18.47 12.17
C GLU C 67 -27.31 18.51 11.32
N TRP C 68 -27.83 19.71 11.06
CA TRP C 68 -28.88 19.83 10.05
C TRP C 68 -28.30 20.11 8.67
N LEU C 69 -26.99 20.36 8.63
CA LEU C 69 -26.30 20.57 7.36
C LEU C 69 -26.44 19.34 6.48
N THR C 70 -26.14 18.17 7.06
CA THR C 70 -26.27 16.91 6.34
C THR C 70 -27.61 16.83 5.65
N THR C 71 -28.64 17.37 6.30
CA THR C 71 -29.98 17.44 5.73
C THR C 71 -30.01 18.24 4.42
N LYS C 72 -29.09 19.18 4.25
CA LYS C 72 -29.07 20.01 3.03
C LYS C 72 -28.02 19.53 2.02
N SER C 73 -26.92 18.99 2.54
CA SER C 73 -25.76 18.65 1.72
C SER C 73 -25.26 17.30 2.21
N ALA C 74 -25.45 16.26 1.39
CA ALA C 74 -25.41 14.90 1.92
C ALA C 74 -24.01 14.45 2.33
N PHE C 75 -22.98 15.13 1.84
CA PHE C 75 -21.60 14.82 2.21
C PHE C 75 -21.10 15.72 3.35
N ALA C 76 -22.01 16.53 3.90
CA ALA C 76 -21.69 17.49 4.96
C ALA C 76 -20.60 18.48 4.53
N LYS C 77 -20.62 18.86 3.25
CA LYS C 77 -19.70 19.88 2.77
C LYS C 77 -20.48 21.09 2.30
N VAL C 78 -19.77 22.21 2.15
CA VAL C 78 -20.30 23.35 1.40
C VAL C 78 -19.43 23.46 0.16
N PRO C 79 -19.96 24.04 -0.92
CA PRO C 79 -21.28 24.68 -1.01
C PRO C 79 -22.44 23.74 -1.26
N ALA C 80 -23.63 24.25 -0.95
CA ALA C 80 -24.88 23.64 -1.33
C ALA C 80 -25.84 24.78 -1.66
N ILE C 81 -26.61 24.61 -2.72
CA ILE C 81 -27.66 25.57 -3.05
C ILE C 81 -29.04 24.97 -2.81
N GLU C 82 -29.91 25.73 -2.17
CA GLU C 82 -31.29 25.29 -1.97
C GLU C 82 -32.19 26.11 -2.88
N ILE C 83 -32.81 25.42 -3.84
CA ILE C 83 -33.52 26.11 -4.92
C ILE C 83 -35.02 26.15 -4.66
N ALA C 84 -35.42 25.39 -3.64
CA ALA C 84 -36.81 25.33 -3.17
C ALA C 84 -36.71 24.56 -1.86
N GLU C 85 -37.70 24.69 -1.00
CA GLU C 85 -37.56 24.13 0.34
C GLU C 85 -37.21 22.64 0.29
N ASP C 86 -36.06 22.30 0.86
CA ASP C 86 -35.60 20.91 0.89
C ASP C 86 -35.28 20.34 -0.49
N VAL C 87 -35.00 21.22 -1.44
CA VAL C 87 -34.50 20.80 -2.74
C VAL C 87 -33.11 21.37 -2.93
N THR C 88 -32.11 20.55 -2.67
CA THR C 88 -30.71 21.03 -2.68
C THR C 88 -29.86 20.30 -3.72
N ILE C 89 -28.77 20.96 -4.09
CA ILE C 89 -27.71 20.37 -4.90
C ILE C 89 -26.43 20.68 -4.13
N TYR C 90 -25.39 19.86 -4.29
CA TYR C 90 -24.10 20.20 -3.70
C TYR C 90 -23.01 19.77 -4.67
N GLU C 91 -21.75 19.87 -4.25
CA GLU C 91 -20.62 19.75 -5.19
C GLU C 91 -20.53 21.00 -6.05
N SER C 92 -19.49 21.79 -5.82
CA SER C 92 -19.41 23.14 -6.38
C SER C 92 -19.62 23.16 -7.90
N LEU C 93 -18.80 22.40 -8.63
CA LEU C 93 -18.94 22.39 -10.09
C LEU C 93 -20.35 21.99 -10.54
N VAL C 94 -20.94 21.05 -9.81
CA VAL C 94 -22.31 20.62 -10.11
C VAL C 94 -23.31 21.75 -9.91
N THR C 95 -23.17 22.50 -8.82
CA THR C 95 -24.05 23.64 -8.56
C THR C 95 -23.90 24.69 -9.68
N VAL C 96 -22.67 24.93 -10.13
CA VAL C 96 -22.50 25.94 -11.18
C VAL C 96 -23.13 25.51 -12.50
N GLU C 97 -22.91 24.25 -12.88
CA GLU C 97 -23.46 23.76 -14.13
C GLU C 97 -24.99 23.85 -14.11
N TYR C 98 -25.57 23.52 -12.95
CA TYR C 98 -27.01 23.67 -12.77
C TYR C 98 -27.47 25.13 -12.97
N LEU C 99 -26.88 26.05 -12.22
CA LEU C 99 -27.25 27.45 -12.38
C LEU C 99 -27.14 27.91 -13.84
N ASP C 100 -26.01 27.63 -14.48
CA ASP C 100 -25.77 28.11 -15.85
C ASP C 100 -26.78 27.56 -16.85
N GLU C 101 -27.34 26.38 -16.53
CA GLU C 101 -28.41 25.77 -17.34
C GLU C 101 -29.79 26.40 -17.08
N VAL C 102 -30.08 26.74 -15.83
CA VAL C 102 -31.41 27.19 -15.46
C VAL C 102 -31.59 28.68 -15.70
N TYR C 103 -30.51 29.44 -15.50
CA TYR C 103 -30.49 30.87 -15.77
C TYR C 103 -29.63 31.14 -17.01
N PRO C 104 -30.27 31.20 -18.19
CA PRO C 104 -29.57 31.11 -19.48
C PRO C 104 -28.83 32.39 -19.87
N LYS C 105 -29.04 33.46 -19.12
CA LYS C 105 -28.37 34.72 -19.41
C LYS C 105 -26.97 34.72 -18.82
N ARG C 106 -26.06 35.43 -19.46
CA ARG C 106 -24.67 35.49 -19.01
C ARG C 106 -24.09 34.06 -18.95
N PRO C 107 -24.13 33.35 -20.09
CA PRO C 107 -23.67 31.95 -20.14
C PRO C 107 -22.18 31.81 -19.81
N LEU C 108 -21.85 31.03 -18.79
CA LEU C 108 -20.47 30.89 -18.35
C LEU C 108 -19.75 29.71 -19.03
N LEU C 109 -20.53 28.73 -19.50
CA LEU C 109 -19.96 27.58 -20.23
C LEU C 109 -20.20 27.75 -21.73
N PRO C 110 -19.16 27.43 -22.53
CA PRO C 110 -19.26 27.56 -23.98
C PRO C 110 -20.32 26.65 -24.61
N GLN C 111 -21.28 27.28 -25.28
CA GLN C 111 -22.09 26.66 -26.32
C GLN C 111 -21.51 25.33 -26.87
N ASP C 112 -20.32 25.45 -27.46
CA ASP C 112 -19.65 24.38 -28.19
C ASP C 112 -19.11 23.27 -27.28
N PRO C 113 -19.57 22.03 -27.50
CA PRO C 113 -19.15 20.88 -26.68
C PRO C 113 -17.62 20.79 -26.52
N LEU C 114 -16.89 20.95 -27.61
CA LEU C 114 -15.41 20.89 -27.57
C LEU C 114 -14.81 22.00 -26.70
N LYS C 115 -15.22 23.22 -26.92
CA LYS C 115 -14.73 24.30 -26.08
C LYS C 115 -15.14 24.08 -24.62
N LYS C 116 -16.40 23.65 -24.43
CA LYS C 116 -16.83 23.23 -23.09
C LYS C 116 -15.84 22.23 -22.48
N ALA C 117 -15.52 21.18 -23.22
CA ALA C 117 -14.58 20.18 -22.73
C ALA C 117 -13.24 20.82 -22.37
N LEU C 118 -12.68 21.61 -23.28
CA LEU C 118 -11.42 22.29 -22.99
C LEU C 118 -11.54 23.14 -21.73
N ASP C 119 -12.70 23.76 -21.51
CA ASP C 119 -12.89 24.51 -20.26
C ASP C 119 -12.76 23.65 -19.01
N LYS C 120 -13.37 22.46 -19.02
CA LYS C 120 -13.32 21.60 -17.84
C LYS C 120 -11.90 21.11 -17.61
N ILE C 121 -11.20 20.79 -18.70
CA ILE C 121 -9.82 20.33 -18.59
C ILE C 121 -8.96 21.37 -17.88
N ILE C 122 -9.17 22.64 -18.25
CA ILE C 122 -8.45 23.75 -17.62
C ILE C 122 -8.74 23.78 -16.12
N VAL C 123 -10.03 23.80 -15.76
CA VAL C 123 -10.45 23.75 -14.36
C VAL C 123 -9.73 22.62 -13.63
N GLU C 124 -9.75 21.42 -14.21
CA GLU C 124 -9.05 20.28 -13.61
C GLU C 124 -7.55 20.54 -13.48
N ALA C 125 -6.96 21.19 -14.48
CA ALA C 125 -5.52 21.48 -14.47
C ALA C 125 -5.06 22.25 -13.23
N SER C 126 -5.99 22.91 -12.54
CA SER C 126 -5.67 23.67 -11.33
C SER C 126 -5.54 22.78 -10.08
N ALA C 127 -5.79 21.48 -10.24
CA ALA C 127 -5.75 20.57 -9.11
C ALA C 127 -4.45 20.63 -8.29
N PRO C 128 -3.29 20.64 -8.98
CA PRO C 128 -2.02 20.67 -8.25
C PRO C 128 -1.82 21.98 -7.49
N ILE C 129 -2.38 23.08 -7.98
CA ILE C 129 -2.43 24.33 -7.24
C ILE C 129 -3.20 24.14 -5.93
N GLN C 130 -4.41 23.60 -6.04
CA GLN C 130 -5.25 23.34 -4.87
C GLN C 130 -4.49 22.45 -3.89
N SER C 131 -3.77 21.48 -4.43
CA SER C 131 -3.12 20.45 -3.62
C SER C 131 -1.93 21.00 -2.84
N LEU C 132 -1.10 21.82 -3.49
CA LEU C 132 0.07 22.38 -2.84
C LEU C 132 -0.31 23.33 -1.70
N PHE C 133 -1.33 24.16 -1.92
CA PHE C 133 -1.75 25.13 -0.91
C PHE C 133 -2.18 24.45 0.38
N ILE C 134 -3.18 23.59 0.29
CA ILE C 134 -3.70 22.88 1.46
C ILE C 134 -2.57 22.10 2.13
N LYS C 135 -1.57 21.71 1.34
CA LYS C 135 -0.41 21.02 1.89
C LYS C 135 0.45 22.01 2.66
N ILE C 136 0.72 23.16 2.04
CA ILE C 136 1.43 24.24 2.71
C ILE C 136 0.66 24.68 3.96
N LEU C 137 -0.64 24.89 3.81
CA LEU C 137 -1.49 25.29 4.93
C LEU C 137 -1.49 24.25 6.07
N LYS C 138 -2.29 23.20 5.90
CA LYS C 138 -2.50 22.18 6.94
C LYS C 138 -1.32 21.24 7.20
N PHE C 139 -0.46 21.03 6.20
CA PHE C 139 0.54 19.96 6.23
C PHE C 139 1.97 20.41 5.91
N SER C 140 2.32 21.61 6.35
CA SER C 140 3.52 22.32 5.85
C SER C 140 4.85 21.56 5.84
N ASP C 141 4.96 20.55 6.70
CA ASP C 141 6.20 19.77 6.82
C ASP C 141 6.24 18.57 5.87
N THR C 142 5.12 18.30 5.21
CA THR C 142 5.05 17.21 4.24
C THR C 142 5.31 17.73 2.82
N VAL C 143 5.41 19.04 2.67
CA VAL C 143 5.63 19.64 1.36
C VAL C 143 6.98 19.21 0.77
N ASN C 144 6.98 18.09 0.05
CA ASN C 144 8.16 17.71 -0.70
C ASN C 144 8.40 18.73 -1.80
N GLU C 145 9.14 18.32 -2.83
CA GLU C 145 9.54 19.25 -3.86
C GLU C 145 8.95 18.79 -5.19
N GLU C 146 8.50 17.54 -5.24
CA GLU C 146 7.73 17.05 -6.38
C GLU C 146 6.45 17.88 -6.46
N HIS C 147 6.04 18.39 -5.31
CA HIS C 147 4.78 19.09 -5.14
C HIS C 147 4.78 20.48 -5.77
N VAL C 148 5.92 21.16 -5.67
CA VAL C 148 6.03 22.50 -6.21
C VAL C 148 6.30 22.40 -7.71
N ALA C 149 7.01 21.35 -8.10
CA ALA C 149 7.23 21.04 -9.51
C ALA C 149 5.88 21.02 -10.22
N ALA C 150 4.98 20.20 -9.71
CA ALA C 150 3.64 20.04 -10.30
C ALA C 150 2.87 21.37 -10.30
N TYR C 151 3.06 22.16 -9.26
CA TYR C 151 2.35 23.43 -9.13
C TYR C 151 2.69 24.38 -10.28
N HIS C 152 3.95 24.40 -10.69
CA HIS C 152 4.35 25.23 -11.82
C HIS C 152 3.82 24.70 -13.14
N LYS C 153 3.82 23.37 -13.31
CA LYS C 153 3.25 22.76 -14.52
C LYS C 153 1.83 23.23 -14.73
N ALA C 154 1.03 23.24 -13.67
CA ALA C 154 -0.35 23.71 -13.76
C ALA C 154 -0.38 25.15 -14.28
N LEU C 155 0.43 26.00 -13.64
CA LEU C 155 0.55 27.39 -14.09
C LEU C 155 0.98 27.47 -15.56
N ASP C 156 2.10 26.82 -15.90
CA ASP C 156 2.61 26.83 -17.27
C ASP C 156 1.53 26.36 -18.24
N PHE C 157 0.73 25.41 -17.79
CA PHE C 157 -0.32 24.86 -18.64
C PHE C 157 -1.47 25.86 -18.79
N ILE C 158 -1.91 26.41 -17.67
CA ILE C 158 -3.01 27.37 -17.67
C ILE C 158 -2.59 28.60 -18.46
N GLN C 159 -1.40 29.13 -18.14
CA GLN C 159 -0.83 30.27 -18.86
C GLN C 159 -0.80 30.02 -20.36
N GLU C 160 -0.23 28.89 -20.73
CA GLU C 160 -0.13 28.45 -22.13
C GLU C 160 -1.50 28.43 -22.83
N GLN C 161 -2.56 28.17 -22.07
CA GLN C 161 -3.90 28.14 -22.67
C GLN C 161 -4.44 29.55 -22.87
N LEU C 162 -4.20 30.42 -21.89
CA LEU C 162 -4.63 31.81 -22.00
C LEU C 162 -4.03 32.39 -23.29
N LYS C 163 -2.75 32.17 -23.49
CA LYS C 163 -2.06 32.71 -24.66
C LYS C 163 -2.56 32.11 -25.98
N ASN C 164 -2.90 30.83 -25.99
CA ASN C 164 -3.32 30.18 -27.23
C ASN C 164 -4.69 30.62 -27.71
N ARG C 165 -5.54 31.03 -26.76
CA ARG C 165 -6.84 31.63 -27.09
C ARG C 165 -6.63 33.14 -27.32
N GLY C 166 -5.62 33.68 -26.65
CA GLY C 166 -5.16 35.04 -26.91
C GLY C 166 -6.02 36.16 -26.37
N THR C 167 -7.08 35.84 -25.63
CA THR C 167 -8.00 36.85 -25.11
C THR C 167 -7.55 37.40 -23.76
N VAL C 168 -8.30 38.35 -23.21
CA VAL C 168 -8.02 38.87 -21.88
C VAL C 168 -8.26 37.76 -20.87
N PHE C 169 -9.47 37.17 -20.92
CA PHE C 169 -9.86 36.07 -20.04
C PHE C 169 -9.86 34.74 -20.80
N LEU C 170 -9.80 33.64 -20.05
CA LEU C 170 -9.89 32.31 -20.65
C LEU C 170 -11.11 32.25 -21.55
N ASP C 171 -12.24 32.78 -21.07
CA ASP C 171 -13.47 32.68 -21.86
C ASP C 171 -13.77 33.89 -22.76
N GLY C 172 -12.74 34.72 -22.98
CA GLY C 172 -12.85 35.83 -23.93
C GLY C 172 -12.74 37.22 -23.31
N SER C 173 -13.76 38.03 -23.52
CA SER C 173 -13.78 39.41 -23.02
C SER C 173 -14.47 39.50 -21.66
N GLU C 174 -15.27 38.49 -21.35
CA GLU C 174 -15.82 38.35 -20.00
C GLU C 174 -15.28 37.06 -19.39
N PRO C 175 -14.97 37.09 -18.07
CA PRO C 175 -14.59 35.83 -17.41
C PRO C 175 -15.77 34.86 -17.46
N GLY C 176 -15.51 33.57 -17.65
CA GLY C 176 -16.55 32.57 -17.66
C GLY C 176 -16.25 31.39 -16.72
N TYR C 177 -16.79 30.23 -17.06
CA TYR C 177 -16.64 29.03 -16.24
C TYR C 177 -15.19 28.77 -15.85
N ALA C 178 -14.33 28.67 -16.85
CA ALA C 178 -12.92 28.36 -16.60
C ALA C 178 -12.25 29.43 -15.73
N ASP C 179 -12.53 30.69 -16.01
CA ASP C 179 -11.97 31.78 -15.22
C ASP C 179 -12.45 31.66 -13.79
N TYR C 180 -13.78 31.61 -13.63
CA TYR C 180 -14.39 31.66 -12.31
C TYR C 180 -14.12 30.42 -11.47
N MET C 181 -14.07 29.25 -12.09
CA MET C 181 -13.87 28.01 -11.35
C MET C 181 -12.44 27.83 -10.81
N ILE C 182 -11.46 28.50 -11.42
CA ILE C 182 -10.08 28.41 -10.92
C ILE C 182 -9.67 29.64 -10.12
N TRP C 183 -10.42 30.72 -10.32
CA TRP C 183 -10.11 31.97 -9.62
C TRP C 183 -9.75 31.84 -8.12
N PRO C 184 -10.57 31.11 -7.35
CA PRO C 184 -10.42 31.12 -5.88
C PRO C 184 -9.00 30.78 -5.43
N TRP C 185 -8.28 29.99 -6.23
CA TRP C 185 -6.92 29.59 -5.87
C TRP C 185 -5.88 30.60 -6.32
N PHE C 186 -6.30 31.55 -7.15
CA PHE C 186 -5.44 32.64 -7.56
C PHE C 186 -5.51 33.78 -6.56
N GLU C 187 -6.73 34.06 -6.09
CA GLU C 187 -6.94 35.03 -5.01
C GLU C 187 -6.17 34.61 -3.77
N ARG C 188 -6.06 33.30 -3.56
CA ARG C 188 -5.33 32.77 -2.41
C ARG C 188 -3.83 32.66 -2.68
N LEU C 189 -3.44 32.78 -3.94
CA LEU C 189 -2.03 32.74 -4.32
C LEU C 189 -1.35 34.04 -3.90
N ARG C 190 -1.96 35.16 -4.28
CA ARG C 190 -1.50 36.51 -3.94
C ARG C 190 -1.27 36.68 -2.45
N ALA C 191 -2.05 35.95 -1.64
CA ALA C 191 -1.94 36.00 -0.19
C ALA C 191 -0.91 35.00 0.31
N PHE C 192 -0.23 34.36 -0.61
CA PHE C 192 0.84 33.42 -0.26
C PHE C 192 2.18 33.87 -0.80
N ALA C 193 2.15 35.00 -1.50
CA ALA C 193 3.34 35.68 -2.01
C ALA C 193 4.58 35.44 -1.13
N HIS C 194 4.47 35.84 0.13
CA HIS C 194 5.59 35.88 1.08
C HIS C 194 6.22 34.51 1.39
N ASP C 195 5.58 33.43 0.94
CA ASP C 195 6.19 32.11 0.97
C ASP C 195 7.03 31.89 -0.30
N GLU C 196 8.31 31.58 -0.11
CA GLU C 196 9.24 31.37 -1.22
C GLU C 196 8.72 30.32 -2.21
N ARG C 197 8.15 29.24 -1.70
CA ARG C 197 7.72 28.11 -2.52
C ARG C 197 6.56 28.44 -3.46
N VAL C 198 5.95 29.62 -3.30
CA VAL C 198 4.73 29.93 -4.04
C VAL C 198 4.85 31.18 -4.92
N ARG C 199 5.92 31.95 -4.75
CA ARG C 199 6.08 33.23 -5.44
C ARG C 199 6.25 33.01 -6.95
N LEU C 200 5.82 34.00 -7.75
CA LEU C 200 5.80 33.82 -9.21
C LEU C 200 6.79 34.68 -10.00
N GLU C 201 7.91 34.10 -10.42
CA GLU C 201 8.88 34.79 -11.28
C GLU C 201 8.18 35.50 -12.44
N PRO C 202 8.15 36.85 -12.39
CA PRO C 202 7.34 37.69 -13.27
C PRO C 202 7.67 37.60 -14.76
N SER C 203 8.76 36.91 -15.12
CA SER C 203 9.11 36.70 -16.53
C SER C 203 8.43 35.45 -17.06
N LYS C 204 8.54 34.37 -16.29
CA LYS C 204 7.89 33.11 -16.56
C LYS C 204 6.37 33.32 -16.66
N TYR C 205 5.85 34.20 -15.81
CA TYR C 205 4.41 34.34 -15.59
C TYR C 205 3.87 35.77 -15.77
N SER C 206 4.49 36.55 -16.65
CA SER C 206 4.06 37.93 -16.86
C SER C 206 2.60 38.02 -17.31
N LEU C 207 2.20 37.14 -18.22
CA LEU C 207 0.85 37.13 -18.75
C LEU C 207 -0.16 36.79 -17.65
N LEU C 208 0.22 35.84 -16.79
CA LEU C 208 -0.68 35.36 -15.74
C LEU C 208 -0.91 36.42 -14.65
N LEU C 209 0.17 37.04 -14.18
CA LEU C 209 0.07 38.06 -13.13
C LEU C 209 -0.84 39.19 -13.61
N GLU C 210 -0.87 39.38 -14.92
CA GLU C 210 -1.70 40.40 -15.55
C GLU C 210 -3.14 39.93 -15.76
N TYR C 211 -3.31 38.64 -16.05
CA TYR C 211 -4.64 38.01 -16.04
C TYR C 211 -5.25 38.17 -14.64
N ILE C 212 -4.48 37.77 -13.63
CA ILE C 212 -4.89 37.87 -12.25
C ILE C 212 -5.26 39.31 -11.89
N ASP C 213 -4.52 40.28 -12.41
CA ASP C 213 -4.86 41.68 -12.16
C ASP C 213 -6.25 42.00 -12.72
N ASN C 214 -6.49 41.57 -13.95
CA ASN C 214 -7.77 41.81 -14.60
C ASN C 214 -8.93 41.14 -13.85
N MET C 215 -8.71 39.90 -13.42
CA MET C 215 -9.75 39.18 -12.70
C MET C 215 -10.11 39.95 -11.44
N LEU C 216 -9.08 40.48 -10.76
CA LEU C 216 -9.25 41.27 -9.55
C LEU C 216 -10.25 42.40 -9.74
N LYS C 217 -10.37 42.89 -10.97
CA LYS C 217 -11.24 44.04 -11.27
C LYS C 217 -12.66 43.68 -11.71
N ASP C 218 -12.87 42.43 -12.13
CA ASP C 218 -14.22 41.96 -12.47
C ASP C 218 -15.20 42.10 -11.28
N SER C 219 -16.41 42.57 -11.56
CA SER C 219 -17.36 42.88 -10.50
C SER C 219 -17.60 41.68 -9.57
N ALA C 220 -17.81 40.51 -10.18
CA ALA C 220 -18.12 39.29 -9.43
C ALA C 220 -17.01 38.93 -8.45
N VAL C 221 -15.76 38.96 -8.92
CA VAL C 221 -14.60 38.75 -8.06
C VAL C 221 -14.48 39.82 -6.98
N SER C 222 -14.54 41.09 -7.40
CA SER C 222 -14.36 42.22 -6.47
C SER C 222 -15.40 42.24 -5.33
N GLN C 223 -16.67 41.98 -5.65
CA GLN C 223 -17.73 41.87 -4.64
C GLN C 223 -17.29 41.08 -3.41
N TYR C 224 -16.57 40.00 -3.66
CA TYR C 224 -16.40 38.96 -2.65
C TYR C 224 -15.00 38.92 -2.06
N LEU C 225 -14.11 39.73 -2.62
CA LEU C 225 -12.72 39.76 -2.18
C LEU C 225 -12.55 39.79 -0.66
N ILE C 226 -11.68 38.91 -0.17
CA ILE C 226 -11.16 39.00 1.18
C ILE C 226 -9.86 39.78 1.12
N PRO C 227 -9.74 40.84 1.94
CA PRO C 227 -8.48 41.59 2.03
C PRO C 227 -7.34 40.65 2.41
N LEU C 228 -6.19 40.81 1.78
CA LEU C 228 -5.08 39.86 1.92
C LEU C 228 -4.70 39.52 3.36
N GLU C 229 -4.54 40.54 4.20
CA GLU C 229 -4.06 40.32 5.57
C GLU C 229 -5.14 39.73 6.47
N ILE C 230 -6.39 39.75 5.99
CA ILE C 230 -7.46 38.96 6.60
C ILE C 230 -7.24 37.50 6.21
N LEU C 231 -7.21 37.28 4.89
CA LEU C 231 -6.87 35.99 4.32
C LEU C 231 -5.64 35.42 5.04
N ALA C 232 -4.59 36.23 5.13
CA ALA C 232 -3.37 35.87 5.83
C ALA C 232 -3.64 35.48 7.29
N LYS C 233 -4.28 36.39 8.03
CA LYS C 233 -4.60 36.16 9.44
C LYS C 233 -5.41 34.86 9.64
N PHE C 234 -6.32 34.57 8.72
CA PHE C 234 -7.10 33.32 8.73
C PHE C 234 -6.20 32.13 8.42
N HIS C 235 -5.68 32.07 7.19
CA HIS C 235 -4.67 31.09 6.84
C HIS C 235 -3.45 31.29 7.73
N GLU C 236 -3.60 30.98 9.01
CA GLU C 236 -2.52 31.14 9.97
C GLU C 236 -2.83 30.22 11.13
N ALA C 237 -4.08 30.26 11.57
CA ALA C 237 -4.53 29.39 12.64
C ALA C 237 -4.03 27.97 12.39
N TYR C 238 -4.00 27.59 11.11
CA TYR C 238 -3.65 26.23 10.70
C TYR C 238 -2.17 25.92 10.89
N THR C 239 -1.37 26.96 10.69
CA THR C 239 0.08 26.86 10.74
C THR C 239 0.53 27.51 12.04
N LYS C 240 0.35 26.79 13.14
CA LYS C 240 0.28 27.34 14.50
C LYS C 240 -0.56 26.30 15.20
N LYS C 241 -1.33 25.61 14.36
CA LYS C 241 -2.24 24.55 14.74
C LYS C 241 -3.18 24.98 15.86
N GLU C 242 -3.69 26.22 15.74
CA GLU C 242 -4.73 26.71 16.62
C GLU C 242 -6.05 26.76 15.87
N ARG C 243 -7.13 26.42 16.56
CA ARG C 243 -8.46 26.36 15.95
C ARG C 243 -8.82 27.65 15.19
N PRO C 244 -9.15 27.54 13.90
CA PRO C 244 -9.43 28.67 12.99
C PRO C 244 -10.56 29.55 13.47
N ASN C 245 -10.53 30.83 13.10
CA ASN C 245 -11.58 31.77 13.46
C ASN C 245 -12.36 32.24 12.23
N TYR C 246 -13.67 31.95 12.22
CA TYR C 246 -14.51 32.21 11.04
C TYR C 246 -15.08 33.62 11.01
N GLU C 247 -14.84 34.40 12.06
CA GLU C 247 -15.47 35.72 12.13
C GLU C 247 -14.50 36.90 12.02
N LEU C 248 -13.30 36.65 11.51
CA LEU C 248 -12.30 37.69 11.36
C LEU C 248 -12.79 38.87 10.53
N LEU C 249 -13.96 38.71 9.91
CA LEU C 249 -14.59 39.80 9.17
C LEU C 249 -15.70 40.44 10.00
N ASN C 250 -15.68 40.15 11.30
CA ASN C 250 -16.61 40.75 12.27
C ASN C 250 -15.97 40.86 13.66
N ASN D 9 16.55 17.02 19.96
CA ASN D 9 15.70 17.50 21.05
C ASN D 9 15.49 16.42 22.12
N ILE D 10 16.54 15.64 22.39
CA ILE D 10 16.43 14.45 23.23
C ILE D 10 17.34 14.46 24.44
N ASN D 11 16.80 14.06 25.58
CA ASN D 11 17.61 13.92 26.80
C ASN D 11 18.45 12.64 26.75
N PHE D 12 19.74 12.82 26.50
CA PHE D 12 20.67 11.71 26.41
C PHE D 12 21.16 11.28 27.79
N ASN D 13 20.79 12.05 28.81
CA ASN D 13 21.44 11.90 30.11
C ASN D 13 20.49 11.55 31.24
N THR D 14 19.40 10.88 30.89
CA THR D 14 18.51 10.34 31.90
C THR D 14 19.22 9.31 32.78
N LYS D 15 18.61 9.01 33.93
CA LYS D 15 19.23 8.13 34.91
C LYS D 15 19.52 6.76 34.30
N HIS D 16 20.74 6.25 34.48
CA HIS D 16 21.05 4.88 34.08
C HIS D 16 20.35 3.93 35.04
N LEU D 17 19.33 3.21 34.57
CA LEU D 17 18.59 2.35 35.47
C LEU D 17 19.46 1.17 35.93
N ARG D 18 19.12 0.63 37.09
CA ARG D 18 19.92 -0.43 37.69
C ARG D 18 19.03 -1.42 38.42
N LYS D 19 19.65 -2.47 38.94
CA LYS D 19 18.94 -3.48 39.71
C LYS D 19 18.02 -2.78 40.72
N GLY D 20 16.73 -3.13 40.68
CA GLY D 20 15.76 -2.51 41.54
C GLY D 20 14.87 -1.53 40.77
N ASP D 21 15.42 -0.90 39.74
CA ASP D 21 14.66 0.09 38.97
C ASP D 21 13.63 -0.57 38.04
N PRO D 22 12.37 -0.14 38.13
CA PRO D 22 11.35 -0.74 37.27
C PRO D 22 11.52 -0.30 35.83
N LEU D 23 10.97 -1.11 34.93
CA LEU D 23 11.09 -0.91 33.50
C LEU D 23 10.01 0.03 33.00
N PRO D 24 10.42 1.20 32.49
CA PRO D 24 9.54 2.22 31.90
C PRO D 24 8.75 1.62 30.76
N PRO D 25 7.44 1.50 30.92
CA PRO D 25 6.56 0.94 29.88
C PRO D 25 6.79 1.60 28.52
N PHE D 26 6.28 0.96 27.47
CA PHE D 26 6.46 1.45 26.11
C PHE D 26 5.45 2.56 25.85
N ASN D 27 5.79 3.47 24.93
CA ASN D 27 4.92 4.60 24.64
C ASN D 27 4.89 4.97 23.17
N GLY D 28 4.94 3.95 22.31
CA GLY D 28 4.92 4.15 20.88
C GLY D 28 6.28 4.50 20.29
N LYS D 29 7.05 5.33 21.00
CA LYS D 29 8.30 5.81 20.44
C LYS D 29 9.34 4.69 20.33
N LEU D 30 10.11 4.72 19.25
CA LEU D 30 11.31 3.89 19.13
C LEU D 30 12.22 4.14 20.33
N ARG D 31 12.77 3.07 20.89
CA ARG D 31 13.55 3.16 22.12
C ARG D 31 14.93 2.50 22.01
N VAL D 32 15.96 3.25 22.38
CA VAL D 32 17.31 2.73 22.50
C VAL D 32 17.64 2.41 23.96
N TYR D 33 18.01 1.16 24.23
CA TYR D 33 18.64 0.86 25.51
C TYR D 33 20.13 1.18 25.43
N ASN D 34 20.57 2.05 26.34
CA ASN D 34 21.82 2.74 26.15
C ASN D 34 22.67 2.79 27.38
N MET D 35 23.90 3.22 27.21
CA MET D 35 24.68 3.70 28.34
C MET D 35 25.65 4.74 27.82
N ARG D 36 25.58 5.92 28.43
CA ARG D 36 26.12 7.17 27.88
C ARG D 36 27.53 7.03 27.32
N TYR D 37 28.34 6.23 28.01
CA TYR D 37 29.75 6.10 27.66
C TYR D 37 30.12 4.84 26.84
N CYS D 38 29.10 4.05 26.45
CA CYS D 38 29.36 2.88 25.58
C CYS D 38 29.52 3.25 24.09
N PRO D 39 30.73 3.03 23.55
CA PRO D 39 30.95 3.37 22.14
C PRO D 39 30.12 2.48 21.20
N TYR D 40 29.77 1.28 21.64
CA TYR D 40 28.93 0.41 20.80
C TYR D 40 27.53 0.97 20.67
N ALA D 41 26.96 1.40 21.78
CA ALA D 41 25.62 1.98 21.74
C ALA D 41 25.62 3.33 21.02
N GLN D 42 26.75 4.05 21.07
CA GLN D 42 26.90 5.33 20.37
C GLN D 42 26.71 5.15 18.85
N ARG D 43 27.18 4.02 18.33
CA ARG D 43 26.89 3.65 16.93
C ARG D 43 25.41 3.82 16.62
N THR D 44 24.57 3.23 17.45
CA THR D 44 23.13 3.31 17.28
C THR D 44 22.63 4.77 17.40
N ILE D 45 23.05 5.45 18.47
CA ILE D 45 22.71 6.86 18.65
C ILE D 45 23.13 7.69 17.43
N LEU D 46 24.38 7.50 17.00
CA LEU D 46 24.90 8.27 15.87
C LEU D 46 24.00 8.12 14.65
N ALA D 47 23.66 6.88 14.32
CA ALA D 47 22.86 6.61 13.14
C ALA D 47 21.52 7.28 13.29
N LEU D 48 20.92 7.18 14.47
CA LEU D 48 19.63 7.83 14.73
C LEU D 48 19.70 9.34 14.51
N ASN D 49 20.74 9.98 15.04
CA ASN D 49 20.92 11.41 14.88
C ASN D 49 21.00 11.84 13.42
N ALA D 50 21.93 11.26 12.67
CA ALA D 50 22.17 11.68 11.30
C ALA D 50 20.93 11.47 10.43
N LYS D 51 20.02 10.62 10.92
CA LYS D 51 18.84 10.22 10.15
C LYS D 51 17.64 11.09 10.50
N GLN D 52 17.71 11.80 11.62
CA GLN D 52 16.57 12.53 12.17
C GLN D 52 15.40 11.57 12.38
N ILE D 53 15.65 10.43 13.02
CA ILE D 53 14.56 9.53 13.40
C ILE D 53 14.06 9.94 14.79
N ASP D 54 12.75 9.87 15.01
CA ASP D 54 12.24 10.14 16.36
C ASP D 54 12.47 8.92 17.26
N TYR D 55 13.14 9.13 18.40
CA TYR D 55 13.44 8.06 19.35
C TYR D 55 13.64 8.54 20.79
N GLU D 56 13.40 7.64 21.73
CA GLU D 56 13.69 7.92 23.13
C GLU D 56 14.86 7.07 23.64
N VAL D 57 15.53 7.54 24.69
CA VAL D 57 16.65 6.83 25.26
C VAL D 57 16.30 6.30 26.66
N VAL D 58 16.76 5.10 26.98
CA VAL D 58 16.72 4.59 28.34
C VAL D 58 18.11 4.09 28.70
N ASN D 59 18.84 4.86 29.51
CA ASN D 59 20.20 4.49 29.89
C ASN D 59 20.26 3.37 30.94
N ILE D 60 21.36 2.63 30.92
CA ILE D 60 21.45 1.39 31.68
C ILE D 60 22.73 1.34 32.51
N ASP D 61 22.59 0.85 33.74
CA ASP D 61 23.73 0.64 34.60
C ASP D 61 24.27 -0.76 34.39
N LEU D 62 25.52 -0.84 33.91
CA LEU D 62 26.10 -2.12 33.50
C LEU D 62 26.90 -2.82 34.60
N ILE D 63 27.02 -2.18 35.77
CA ILE D 63 27.67 -2.82 36.90
C ILE D 63 26.65 -3.57 37.74
N ASP D 64 25.48 -2.98 37.92
CA ASP D 64 24.38 -3.65 38.61
C ASP D 64 23.12 -3.49 37.77
N LYS D 65 23.03 -4.33 36.72
CA LYS D 65 21.99 -4.18 35.72
C LYS D 65 20.60 -4.48 36.27
N PRO D 66 19.59 -3.76 35.74
CA PRO D 66 18.18 -4.10 36.02
C PRO D 66 17.95 -5.57 35.68
N GLU D 67 17.10 -6.25 36.44
CA GLU D 67 16.90 -7.68 36.24
C GLU D 67 16.08 -7.98 34.98
N TRP D 68 15.47 -6.94 34.39
CA TRP D 68 14.63 -7.10 33.21
C TRP D 68 15.38 -6.82 31.89
N LEU D 69 16.63 -6.37 32.00
CA LEU D 69 17.46 -6.10 30.81
C LEU D 69 17.46 -7.23 29.76
N THR D 70 17.68 -8.48 30.19
CA THR D 70 17.79 -9.56 29.20
C THR D 70 16.50 -9.73 28.40
N THR D 71 15.38 -9.46 29.04
CA THR D 71 14.09 -9.33 28.36
C THR D 71 14.12 -8.42 27.13
N LYS D 72 15.01 -7.43 27.11
CA LYS D 72 15.07 -6.48 25.99
C LYS D 72 16.30 -6.73 25.13
N SER D 73 17.31 -7.36 25.73
CA SER D 73 18.60 -7.53 25.08
C SER D 73 19.22 -8.80 25.64
N ALA D 74 19.26 -9.85 24.83
CA ALA D 74 19.45 -11.19 25.39
C ALA D 74 20.86 -11.50 25.86
N PHE D 75 21.87 -10.80 25.35
CA PHE D 75 23.23 -11.01 25.84
C PHE D 75 23.54 -10.08 27.01
N ALA D 76 22.52 -9.37 27.48
CA ALA D 76 22.68 -8.40 28.58
C ALA D 76 23.71 -7.34 28.23
N LYS D 77 23.62 -6.83 27.00
CA LYS D 77 24.51 -5.74 26.56
C LYS D 77 23.68 -4.57 26.06
N VAL D 78 24.35 -3.44 25.85
CA VAL D 78 23.76 -2.35 25.07
C VAL D 78 24.63 -2.17 23.81
N PRO D 79 24.03 -1.65 22.72
CA PRO D 79 22.65 -1.19 22.61
C PRO D 79 21.64 -2.26 22.23
N ALA D 80 20.37 -1.98 22.57
CA ALA D 80 19.23 -2.65 21.95
C ALA D 80 18.23 -1.57 21.50
N ILE D 81 17.51 -1.83 20.40
CA ILE D 81 16.37 -1.00 20.06
C ILE D 81 15.05 -1.76 20.22
N GLU D 82 14.03 -1.05 20.69
CA GLU D 82 12.70 -1.63 20.84
C GLU D 82 11.80 -0.90 19.86
N ILE D 83 11.30 -1.61 18.85
CA ILE D 83 10.56 -0.96 17.79
C ILE D 83 9.07 -1.04 18.06
N ALA D 84 8.69 -1.99 18.90
CA ALA D 84 7.31 -2.17 19.32
C ALA D 84 7.36 -2.88 20.67
N GLU D 85 6.27 -2.82 21.44
CA GLU D 85 6.31 -3.45 22.75
C GLU D 85 6.90 -4.87 22.65
N ASP D 86 7.98 -5.09 23.40
CA ASP D 86 8.58 -6.42 23.49
C ASP D 86 9.08 -6.95 22.15
N VAL D 87 9.43 -6.04 21.24
CA VAL D 87 10.07 -6.40 19.99
C VAL D 87 11.39 -5.65 19.85
N THR D 88 12.50 -6.36 20.03
CA THR D 88 13.80 -5.71 20.18
C THR D 88 14.86 -6.28 19.27
N ILE D 89 15.84 -5.44 18.91
CA ILE D 89 17.03 -5.86 18.18
C ILE D 89 18.26 -5.38 18.94
N TYR D 90 19.27 -6.24 19.06
CA TYR D 90 20.50 -5.86 19.75
C TYR D 90 21.70 -6.21 18.87
N GLU D 91 22.89 -5.80 19.32
CA GLU D 91 24.15 -5.81 18.53
C GLU D 91 24.20 -4.57 17.63
N SER D 92 25.11 -3.66 17.98
CA SER D 92 25.17 -2.34 17.38
C SER D 92 25.04 -2.30 15.86
N LEU D 93 25.90 -3.03 15.15
CA LEU D 93 25.87 -2.96 13.68
C LEU D 93 24.54 -3.50 13.16
N VAL D 94 23.98 -4.47 13.87
CA VAL D 94 22.73 -5.07 13.46
C VAL D 94 21.61 -4.03 13.56
N THR D 95 21.56 -3.29 14.68
CA THR D 95 20.59 -2.21 14.85
C THR D 95 20.75 -1.17 13.77
N VAL D 96 21.99 -0.80 13.50
CA VAL D 96 22.20 0.27 12.52
C VAL D 96 21.72 -0.17 11.14
N GLU D 97 22.16 -1.35 10.70
CA GLU D 97 21.74 -1.85 9.40
C GLU D 97 20.21 -1.93 9.28
N TYR D 98 19.59 -2.48 10.31
CA TYR D 98 18.14 -2.45 10.38
C TYR D 98 17.58 -1.03 10.13
N LEU D 99 18.02 -0.05 10.92
CA LEU D 99 17.53 1.32 10.78
C LEU D 99 17.71 1.85 9.35
N ASP D 100 18.88 1.58 8.77
CA ASP D 100 19.19 2.06 7.41
C ASP D 100 18.19 1.49 6.40
N GLU D 101 17.67 0.29 6.68
CA GLU D 101 16.74 -0.37 5.75
C GLU D 101 15.32 0.17 5.94
N VAL D 102 14.92 0.35 7.19
CA VAL D 102 13.58 0.81 7.54
C VAL D 102 13.36 2.29 7.18
N TYR D 103 14.25 3.15 7.66
CA TYR D 103 14.22 4.59 7.36
C TYR D 103 15.21 4.95 6.26
N PRO D 104 14.75 4.94 5.01
CA PRO D 104 15.65 5.00 3.85
C PRO D 104 16.16 6.41 3.52
N LYS D 105 15.74 7.41 4.28
CA LYS D 105 16.25 8.78 4.08
C LYS D 105 17.63 8.93 4.72
N ARG D 106 18.53 9.67 4.07
CA ARG D 106 19.90 9.79 4.55
C ARG D 106 20.46 8.38 4.78
N PRO D 107 20.63 7.62 3.68
CA PRO D 107 21.12 6.24 3.66
C PRO D 107 22.58 6.21 4.10
N LEU D 108 22.89 5.37 5.07
CA LEU D 108 24.24 5.35 5.63
C LEU D 108 25.17 4.33 4.94
N LEU D 109 24.58 3.25 4.43
CA LEU D 109 25.35 2.25 3.69
C LEU D 109 25.19 2.44 2.19
N PRO D 110 26.30 2.33 1.45
CA PRO D 110 26.22 2.38 -0.02
C PRO D 110 25.20 1.37 -0.58
N GLN D 111 24.52 1.72 -1.68
CA GLN D 111 23.61 0.77 -2.30
C GLN D 111 24.38 -0.30 -3.06
N ASP D 112 25.45 0.12 -3.72
CA ASP D 112 26.33 -0.80 -4.44
C ASP D 112 26.96 -1.85 -3.50
N PRO D 113 26.68 -3.14 -3.77
CA PRO D 113 27.15 -4.25 -2.92
C PRO D 113 28.66 -4.20 -2.62
N LEU D 114 29.47 -3.88 -3.64
CA LEU D 114 30.93 -3.77 -3.45
C LEU D 114 31.33 -2.61 -2.52
N LYS D 115 30.77 -1.44 -2.74
CA LYS D 115 31.10 -0.32 -1.87
C LYS D 115 30.66 -0.64 -0.44
N LYS D 116 29.40 -1.07 -0.31
CA LYS D 116 28.86 -1.51 0.99
C LYS D 116 29.82 -2.50 1.70
N ALA D 117 30.33 -3.48 0.95
CA ALA D 117 31.25 -4.46 1.51
C ALA D 117 32.53 -3.81 2.04
N LEU D 118 33.10 -2.88 1.27
CA LEU D 118 34.33 -2.22 1.67
C LEU D 118 34.10 -1.39 2.90
N ASP D 119 32.91 -0.82 3.01
CA ASP D 119 32.48 -0.12 4.22
C ASP D 119 32.50 -1.04 5.44
N LYS D 120 32.02 -2.27 5.28
CA LYS D 120 32.04 -3.24 6.37
C LYS D 120 33.48 -3.61 6.74
N ILE D 121 34.31 -3.80 5.72
CA ILE D 121 35.72 -4.12 5.93
C ILE D 121 36.41 -3.03 6.78
N ILE D 122 36.24 -1.76 6.38
CA ILE D 122 36.82 -0.64 7.11
C ILE D 122 36.43 -0.67 8.59
N VAL D 123 35.15 -0.88 8.87
CA VAL D 123 34.69 -1.06 10.25
C VAL D 123 35.40 -2.22 10.99
N GLU D 124 35.69 -3.33 10.30
CA GLU D 124 36.43 -4.42 10.94
C GLU D 124 37.85 -3.98 11.24
N ALA D 125 38.40 -3.16 10.35
CA ALA D 125 39.74 -2.60 10.55
C ALA D 125 39.81 -1.81 11.86
N SER D 126 38.67 -1.24 12.28
CA SER D 126 38.55 -0.58 13.58
C SER D 126 38.84 -1.51 14.76
N ALA D 127 38.79 -2.82 14.54
CA ALA D 127 38.84 -3.79 15.65
C ALA D 127 40.02 -3.64 16.61
N PRO D 128 41.26 -3.62 16.08
CA PRO D 128 42.44 -3.47 16.95
C PRO D 128 42.44 -2.14 17.74
N ILE D 129 41.73 -1.13 17.24
CA ILE D 129 41.60 0.13 17.97
C ILE D 129 40.69 -0.05 19.19
N GLN D 130 39.61 -0.83 19.02
CA GLN D 130 38.68 -1.12 20.12
C GLN D 130 39.38 -1.96 21.15
N SER D 131 40.26 -2.83 20.65
CA SER D 131 40.99 -3.78 21.47
C SER D 131 41.96 -3.05 22.40
N LEU D 132 42.75 -2.15 21.84
CA LEU D 132 43.79 -1.47 22.62
C LEU D 132 43.14 -0.57 23.66
N PHE D 133 42.19 0.24 23.22
CA PHE D 133 41.47 1.13 24.14
C PHE D 133 40.92 0.35 25.32
N ILE D 134 40.39 -0.85 25.09
CA ILE D 134 39.79 -1.61 26.19
C ILE D 134 40.82 -2.23 27.15
N LYS D 135 41.96 -2.66 26.60
CA LYS D 135 43.07 -3.18 27.38
C LYS D 135 43.70 -2.07 28.20
N ILE D 136 43.90 -0.93 27.56
CA ILE D 136 44.56 0.23 28.17
C ILE D 136 43.73 0.81 29.31
N LEU D 137 42.43 0.98 29.07
CA LEU D 137 41.50 1.49 30.09
C LEU D 137 41.17 0.48 31.20
N LYS D 138 41.41 -0.80 30.98
CA LYS D 138 41.04 -1.81 31.97
C LYS D 138 42.20 -2.60 32.57
N PHE D 139 43.22 -2.89 31.75
CA PHE D 139 44.38 -3.62 32.24
C PHE D 139 45.64 -3.27 31.47
N SER D 140 46.24 -2.13 31.79
CA SER D 140 47.42 -1.66 31.09
C SER D 140 48.61 -2.65 31.16
N ASP D 141 48.61 -3.50 32.18
CA ASP D 141 49.72 -4.44 32.38
C ASP D 141 49.64 -5.64 31.44
N THR D 142 48.49 -5.80 30.81
CA THR D 142 48.35 -6.75 29.71
C THR D 142 48.97 -6.17 28.44
N VAL D 143 48.94 -4.84 28.31
CA VAL D 143 49.34 -4.17 27.06
C VAL D 143 50.76 -4.58 26.67
N ASN D 144 51.09 -4.33 25.40
CA ASN D 144 52.08 -5.13 24.69
C ASN D 144 52.62 -4.38 23.49
N GLU D 145 53.75 -4.82 22.98
CA GLU D 145 54.32 -4.24 21.77
C GLU D 145 53.36 -4.40 20.60
N GLU D 146 52.86 -5.62 20.40
CA GLU D 146 52.06 -5.94 19.23
C GLU D 146 50.70 -5.25 19.26
N HIS D 147 50.05 -5.28 20.42
CA HIS D 147 48.75 -4.62 20.56
C HIS D 147 48.82 -3.18 20.02
N VAL D 148 50.00 -2.60 20.04
CA VAL D 148 50.20 -1.21 19.62
C VAL D 148 50.58 -1.14 18.16
N ALA D 149 51.37 -2.11 17.70
CA ALA D 149 51.68 -2.18 16.27
C ALA D 149 50.42 -2.57 15.49
N ALA D 150 49.58 -3.39 16.10
CA ALA D 150 48.31 -3.79 15.49
C ALA D 150 47.43 -2.57 15.30
N TYR D 151 47.37 -1.75 16.34
CA TYR D 151 46.58 -0.53 16.36
C TYR D 151 47.10 0.51 15.35
N HIS D 152 48.41 0.59 15.18
CA HIS D 152 48.98 1.47 14.17
C HIS D 152 48.58 1.04 12.76
N LYS D 153 48.78 -0.26 12.48
CA LYS D 153 48.35 -0.85 11.21
C LYS D 153 46.88 -0.55 10.92
N ALA D 154 46.05 -0.58 11.95
CA ALA D 154 44.64 -0.25 11.80
C ALA D 154 44.48 1.14 11.20
N LEU D 155 44.95 2.15 11.92
CA LEU D 155 44.95 3.53 11.43
C LEU D 155 45.62 3.68 10.06
N ASP D 156 46.73 2.95 9.84
CA ASP D 156 47.41 3.02 8.56
C ASP D 156 46.43 2.64 7.44
N PHE D 157 45.65 1.60 7.69
CA PHE D 157 44.71 1.07 6.71
C PHE D 157 43.53 2.02 6.51
N ILE D 158 42.99 2.55 7.61
CA ILE D 158 41.83 3.43 7.52
C ILE D 158 42.15 4.72 6.77
N GLN D 159 43.29 5.32 7.12
CA GLN D 159 43.74 6.52 6.44
C GLN D 159 43.85 6.27 4.96
N GLU D 160 44.56 5.21 4.59
CA GLU D 160 44.75 4.88 3.18
C GLU D 160 43.40 4.77 2.47
N GLN D 161 42.40 4.22 3.15
CA GLN D 161 41.07 4.15 2.57
C GLN D 161 40.51 5.55 2.34
N LEU D 162 40.63 6.41 3.35
CA LEU D 162 40.10 7.76 3.27
C LEU D 162 40.83 8.54 2.18
N LYS D 163 42.16 8.40 2.17
CA LYS D 163 42.96 9.02 1.13
C LYS D 163 42.47 8.60 -0.26
N ASN D 164 42.56 7.30 -0.55
CA ASN D 164 42.20 6.78 -1.87
C ASN D 164 40.76 7.12 -2.30
N ARG D 165 39.83 7.09 -1.36
CA ARG D 165 38.43 7.47 -1.65
C ARG D 165 38.32 8.95 -2.04
N GLY D 166 39.39 9.70 -1.74
CA GLY D 166 39.54 11.06 -2.23
C GLY D 166 38.57 12.07 -1.64
N THR D 167 37.49 11.60 -1.02
CA THR D 167 36.51 12.50 -0.44
C THR D 167 36.96 12.96 0.94
N VAL D 168 36.13 13.76 1.61
CA VAL D 168 36.49 14.33 2.91
C VAL D 168 36.06 13.42 4.06
N PHE D 169 34.93 12.74 3.88
CA PHE D 169 34.54 11.64 4.75
C PHE D 169 34.70 10.32 3.99
N LEU D 170 34.82 9.21 4.74
CA LEU D 170 34.89 7.91 4.11
C LEU D 170 33.78 7.76 3.06
N ASP D 171 32.56 8.17 3.44
CA ASP D 171 31.41 8.00 2.56
C ASP D 171 31.07 9.25 1.72
N GLY D 172 32.00 10.20 1.64
CA GLY D 172 31.85 11.33 0.74
C GLY D 172 31.63 12.67 1.42
N SER D 173 30.66 13.44 0.93
CA SER D 173 30.43 14.80 1.43
C SER D 173 29.87 14.77 2.85
N GLU D 174 29.08 13.75 3.16
CA GLU D 174 28.59 13.57 4.52
C GLU D 174 29.11 12.25 5.11
N PRO D 175 29.15 12.16 6.45
CA PRO D 175 29.57 10.93 7.13
C PRO D 175 28.53 9.83 6.98
N GLY D 176 28.97 8.63 6.60
CA GLY D 176 28.07 7.50 6.47
C GLY D 176 28.38 6.39 7.46
N TYR D 177 27.84 5.20 7.17
CA TYR D 177 28.08 4.00 7.97
C TYR D 177 29.54 3.83 8.37
N ALA D 178 30.42 3.69 7.38
CA ALA D 178 31.83 3.50 7.67
C ALA D 178 32.27 4.56 8.68
N ASP D 179 31.94 5.81 8.43
CA ASP D 179 32.35 6.92 9.31
C ASP D 179 31.78 6.80 10.74
N TYR D 180 30.46 6.77 10.87
CA TYR D 180 29.82 6.72 12.19
C TYR D 180 30.12 5.44 12.98
N MET D 181 30.30 4.31 12.29
CA MET D 181 30.47 3.04 12.99
C MET D 181 31.86 2.94 13.66
N ILE D 182 32.86 3.62 13.09
CA ILE D 182 34.17 3.65 13.74
C ILE D 182 34.39 4.87 14.66
N TRP D 183 33.62 5.93 14.46
CA TRP D 183 33.84 7.20 15.17
C TRP D 183 33.99 7.11 16.71
N PRO D 184 33.07 6.39 17.38
CA PRO D 184 33.09 6.34 18.85
C PRO D 184 34.47 6.08 19.41
N TRP D 185 35.37 5.52 18.60
CA TRP D 185 36.70 5.21 19.11
C TRP D 185 37.70 6.32 18.76
N PHE D 186 37.43 7.01 17.67
CA PHE D 186 38.14 8.25 17.38
C PHE D 186 37.81 9.33 18.40
N GLU D 187 36.55 9.41 18.82
CA GLU D 187 36.18 10.33 19.88
C GLU D 187 36.97 10.01 21.16
N ARG D 188 36.91 8.76 21.59
CA ARG D 188 37.55 8.35 22.84
C ARG D 188 39.09 8.43 22.84
N LEU D 189 39.70 8.36 21.66
CA LEU D 189 41.17 8.35 21.57
C LEU D 189 41.83 9.72 21.86
N ARG D 190 41.05 10.79 21.70
CA ARG D 190 41.48 12.13 22.09
C ARG D 190 41.67 12.21 23.61
N ALA D 191 40.87 11.44 24.34
CA ALA D 191 40.99 11.37 25.78
C ALA D 191 42.13 10.42 26.18
N PHE D 192 43.13 10.30 25.31
CA PHE D 192 44.28 9.44 25.57
C PHE D 192 45.53 9.91 24.84
N ALA D 193 45.50 11.15 24.33
CA ALA D 193 46.68 11.70 23.65
C ALA D 193 47.85 11.87 24.63
N HIS D 194 47.51 11.85 25.93
CA HIS D 194 48.50 11.85 27.01
C HIS D 194 48.80 10.41 27.44
N ASP D 195 48.78 9.52 26.46
CA ASP D 195 49.28 8.15 26.62
C ASP D 195 50.19 7.85 25.43
N GLU D 196 51.48 7.69 25.71
CA GLU D 196 52.49 7.56 24.66
C GLU D 196 52.19 6.39 23.72
N ARG D 197 51.42 5.43 24.23
CA ARG D 197 51.08 4.23 23.46
C ARG D 197 50.02 4.55 22.40
N VAL D 198 49.42 5.74 22.52
CA VAL D 198 48.25 6.09 21.74
C VAL D 198 48.44 7.30 20.82
N ARG D 199 49.12 8.33 21.31
CA ARG D 199 49.23 9.63 20.61
C ARG D 199 49.55 9.51 19.11
N LEU D 200 48.90 10.34 18.29
CA LEU D 200 49.10 10.32 16.85
C LEU D 200 50.21 11.23 16.34
N GLU D 201 51.28 10.62 15.84
CA GLU D 201 52.31 11.35 15.09
C GLU D 201 51.60 12.18 14.01
N PRO D 202 51.68 13.51 14.10
CA PRO D 202 50.86 14.38 13.22
C PRO D 202 51.33 14.37 11.76
N SER D 203 52.57 13.96 11.50
CA SER D 203 53.07 13.85 10.14
C SER D 203 52.67 12.49 9.53
N LYS D 204 52.63 11.47 10.38
CA LYS D 204 52.22 10.12 9.99
C LYS D 204 50.73 10.12 9.66
N TYR D 205 49.95 10.85 10.45
CA TYR D 205 48.49 10.82 10.35
C TYR D 205 47.85 12.21 10.17
N SER D 206 48.43 13.01 9.28
CA SER D 206 47.89 14.33 8.97
C SER D 206 46.43 14.18 8.55
N LEU D 207 46.22 13.48 7.43
CA LEU D 207 44.89 13.27 6.86
C LEU D 207 43.88 12.79 7.91
N LEU D 208 44.29 11.80 8.70
CA LEU D 208 43.43 11.25 9.74
C LEU D 208 42.93 12.35 10.68
N LEU D 209 43.86 13.11 11.25
CA LEU D 209 43.52 14.16 12.20
C LEU D 209 42.56 15.20 11.62
N GLU D 210 42.76 15.56 10.36
CA GLU D 210 41.86 16.50 9.69
C GLU D 210 40.45 15.94 9.70
N TYR D 211 40.33 14.70 9.24
CA TYR D 211 39.11 13.91 9.36
C TYR D 211 38.46 14.06 10.75
N ILE D 212 39.21 13.72 11.80
CA ILE D 212 38.66 13.79 13.16
C ILE D 212 38.05 15.15 13.48
N ASP D 213 38.73 16.22 13.06
CA ASP D 213 38.18 17.56 13.27
C ASP D 213 36.88 17.70 12.48
N ASN D 214 36.95 17.35 11.18
CA ASN D 214 35.77 17.36 10.33
C ASN D 214 34.61 16.57 10.93
N MET D 215 34.90 15.37 11.45
CA MET D 215 33.88 14.54 12.07
C MET D 215 33.35 15.19 13.35
N LEU D 216 34.26 15.79 14.12
CA LEU D 216 33.87 16.45 15.35
C LEU D 216 32.80 17.52 15.07
N LYS D 217 32.80 18.06 13.86
CA LYS D 217 31.85 19.12 13.53
C LYS D 217 30.61 18.69 12.73
N ASP D 218 30.37 17.38 12.69
CA ASP D 218 29.14 16.83 12.13
C ASP D 218 28.02 16.83 13.19
N SER D 219 26.81 17.21 12.80
CA SER D 219 25.71 17.42 13.74
C SER D 219 25.26 16.17 14.51
N ALA D 220 25.59 14.99 14.00
CA ALA D 220 25.24 13.77 14.72
C ALA D 220 26.25 13.51 15.83
N VAL D 221 27.52 13.82 15.55
CA VAL D 221 28.61 13.68 16.52
C VAL D 221 28.52 14.67 17.70
N SER D 222 28.43 15.96 17.37
CA SER D 222 28.50 17.01 18.39
C SER D 222 27.27 16.98 19.28
N GLN D 223 26.12 16.73 18.66
CA GLN D 223 24.87 16.54 19.36
C GLN D 223 25.03 15.59 20.56
N TYR D 224 26.01 14.70 20.50
CA TYR D 224 26.16 13.63 21.48
C TYR D 224 27.55 13.59 22.15
N LEU D 225 28.44 14.48 21.70
CA LEU D 225 29.81 14.57 22.25
C LEU D 225 29.90 14.65 23.76
N ILE D 226 31.02 14.21 24.29
CA ILE D 226 31.31 14.29 25.72
C ILE D 226 32.50 15.23 25.91
N PRO D 227 32.42 16.14 26.90
CA PRO D 227 33.54 17.00 27.28
C PRO D 227 34.75 16.14 27.67
N LEU D 228 35.93 16.42 27.10
CA LEU D 228 37.12 15.60 27.35
C LEU D 228 37.37 15.24 28.83
N GLU D 229 37.22 16.22 29.72
CA GLU D 229 37.53 16.05 31.14
C GLU D 229 36.52 15.15 31.86
N ILE D 230 35.26 15.21 31.43
CA ILE D 230 34.22 14.31 31.94
C ILE D 230 34.54 12.88 31.54
N LEU D 231 34.91 12.72 30.27
CA LEU D 231 35.33 11.43 29.73
C LEU D 231 36.49 10.84 30.54
N ALA D 232 37.56 11.62 30.69
CA ALA D 232 38.73 11.18 31.44
C ALA D 232 38.33 10.80 32.87
N LYS D 233 37.48 11.64 33.47
CA LYS D 233 36.99 11.39 34.82
C LYS D 233 36.30 10.02 34.91
N PHE D 234 35.30 9.81 34.06
CA PHE D 234 34.63 8.51 33.95
C PHE D 234 35.63 7.35 33.79
N HIS D 235 36.55 7.50 32.84
CA HIS D 235 37.57 6.48 32.54
C HIS D 235 38.45 6.11 33.74
N GLU D 236 38.74 7.10 34.59
CA GLU D 236 39.64 6.88 35.71
C GLU D 236 39.16 5.74 36.63
N ALA D 237 37.85 5.51 36.69
CA ALA D 237 37.31 4.47 37.56
C ALA D 237 37.81 3.09 37.16
N TYR D 238 37.81 2.82 35.85
CA TYR D 238 38.31 1.54 35.33
C TYR D 238 39.79 1.34 35.62
N THR D 239 40.62 2.33 35.29
CA THR D 239 42.01 2.30 35.72
C THR D 239 42.12 2.86 37.13
N LYS D 240 41.42 2.20 38.04
CA LYS D 240 41.50 2.47 39.47
C LYS D 240 40.71 1.37 40.15
N LYS D 241 40.04 0.57 39.33
CA LYS D 241 39.28 -0.56 39.82
C LYS D 241 38.23 -0.09 40.82
N GLU D 242 37.50 0.96 40.43
CA GLU D 242 36.49 1.54 41.30
C GLU D 242 35.13 1.55 40.61
N ARG D 243 34.07 1.66 41.40
CA ARG D 243 32.72 1.71 40.85
C ARG D 243 32.61 2.89 39.88
N PRO D 244 32.23 2.60 38.63
CA PRO D 244 32.00 3.68 37.68
C PRO D 244 30.85 4.57 38.13
N ASN D 245 30.89 5.83 37.75
CA ASN D 245 29.80 6.72 38.06
C ASN D 245 29.17 7.20 36.76
N TYR D 246 27.96 6.72 36.48
CA TYR D 246 27.32 6.95 35.18
C TYR D 246 26.64 8.31 35.10
N GLU D 247 26.61 9.03 36.22
CA GLU D 247 25.85 10.28 36.27
C GLU D 247 26.73 11.52 36.34
N LEU D 248 27.92 11.45 35.76
CA LEU D 248 28.87 12.56 35.77
C LEU D 248 28.32 13.83 35.09
N LEU D 249 27.45 13.66 34.11
CA LEU D 249 26.86 14.79 33.41
C LEU D 249 25.65 15.35 34.17
N ASN D 250 25.36 14.75 35.33
CA ASN D 250 24.17 15.11 36.10
C ASN D 250 24.50 15.57 37.52
K K E . -9.50 -42.43 1.40
K K F . -11.07 -43.84 -2.01
K K G . -10.72 -42.86 19.41
C1 EDO H . -0.14 -20.44 1.06
O1 EDO H . -0.34 -20.79 -0.34
C2 EDO H . -1.47 -20.52 1.83
O2 EDO H . -1.27 -20.94 3.20
C1 PEG I . 12.47 -28.31 -3.37
O1 PEG I . 13.60 -27.63 -3.84
C2 PEG I . 12.21 -29.73 -3.80
O2 PEG I . 11.75 -29.91 -5.12
C3 PEG I . 12.06 -31.06 -5.82
C4 PEG I . 12.70 -30.88 -7.16
O4 PEG I . 13.13 -29.58 -7.41
N1 GSH J . -7.70 -40.62 -8.15
CA1 GSH J . -8.34 -39.49 -7.47
C1 GSH J . -7.34 -38.38 -7.12
O11 GSH J . -7.73 -37.15 -7.03
O12 GSH J . -6.11 -38.69 -6.96
CB1 GSH J . -9.05 -40.02 -6.22
CG1 GSH J . -9.56 -39.03 -5.24
CD1 GSH J . -10.56 -39.56 -4.24
OE1 GSH J . -10.71 -40.77 -4.06
N2 GSH J . -11.38 -38.66 -3.49
CA2 GSH J . -12.36 -39.25 -2.57
C2 GSH J . -13.74 -38.92 -3.10
O2 GSH J . -13.96 -37.80 -3.54
CB2 GSH J . -12.19 -38.63 -1.22
SG2 GSH J . -10.88 -39.20 -0.20
N3 GSH J . -14.78 -39.93 -3.08
CA3 GSH J . -16.12 -39.60 -3.58
C3 GSH J . -17.23 -40.37 -2.98
O31 GSH J . -17.44 -40.29 -1.74
O32 GSH J . -17.98 -41.07 -3.72
K K K . -9.01 -10.75 -1.16
K K L . -6.37 3.25 -10.28
C1 EDO M . -31.73 -4.02 -8.07
O1 EDO M . -33.02 -4.64 -7.87
C2 EDO M . -31.67 -3.53 -9.51
O2 EDO M . -30.63 -4.21 -10.24
N1 GSH N . -8.91 12.44 -13.41
CA1 GSH N . -8.55 11.41 -14.40
C1 GSH N . -9.75 10.87 -15.16
O11 GSH N . -9.65 10.60 -16.41
O12 GSH N . -10.87 10.70 -14.56
CB1 GSH N . -7.75 10.28 -13.75
CG1 GSH N . -7.17 9.26 -14.68
CD1 GSH N . -6.04 8.40 -14.17
OE1 GSH N . -5.54 8.57 -13.06
N2 GSH N . -5.50 7.34 -14.98
CA2 GSH N . -4.37 6.57 -14.41
C2 GSH N . -3.07 7.11 -15.01
O2 GSH N . -3.04 7.39 -16.20
CB2 GSH N . -4.51 5.11 -14.68
SG2 GSH N . -5.70 4.20 -13.75
N3 GSH N . -1.91 7.29 -14.18
CA3 GSH N . -0.66 7.82 -14.75
C3 GSH N . 0.54 7.45 -13.99
O31 GSH N . 1.61 8.11 -14.13
O32 GSH N . 0.46 6.47 -13.20
I IOD O . -14.82 23.83 18.35
K K P . -9.62 23.90 1.23
K K Q . -7.23 19.70 -2.31
C1 EDO R . -35.49 25.22 4.61
O1 EDO R . -34.28 25.97 4.50
C2 EDO R . -35.52 24.53 5.97
O2 EDO R . -36.84 23.99 6.18
C1 EDO S . -27.89 21.41 14.64
O1 EDO S . -27.97 20.15 15.32
C2 EDO S . -28.25 22.53 15.60
O2 EDO S . -27.43 23.67 15.31
N1 GSH T . -15.94 18.36 -3.86
CA1 GSH T . -16.46 19.53 -3.16
C1 GSH T . -16.94 20.61 -4.09
O11 GSH T . -17.85 21.40 -3.68
O12 GSH T . -16.44 20.74 -5.27
CB1 GSH T . -15.42 20.12 -2.22
CG1 GSH T . -15.95 21.08 -1.21
CD1 GSH T . -15.29 21.03 0.14
OE1 GSH T . -14.35 20.24 0.34
N2 GSH T . -15.72 21.90 1.22
CA2 GSH T . -15.00 21.78 2.49
C2 GSH T . -15.91 21.16 3.51
O2 GSH T . -17.09 21.52 3.55
CB2 GSH T . -14.57 23.11 3.02
SG2 GSH T . -13.45 24.06 2.05
N3 GSH T . -15.36 20.19 4.42
CA3 GSH T . -16.23 19.59 5.42
C3 GSH T . -15.62 19.55 6.75
O31 GSH T . -16.31 19.25 7.78
O32 GSH T . -14.40 19.84 6.85
I IOD U . 33.82 -0.94 26.06
K K V . 7.82 -2.59 27.95
C1 EDO W . 33.65 2.53 28.19
O1 EDO W . 32.67 3.57 28.36
C2 EDO W . 33.54 1.53 29.34
O2 EDO W . 32.33 0.78 29.21
N1 GSH X . 28.99 -6.85 20.00
CA1 GSH X . 28.23 -5.88 20.80
C1 GSH X . 27.63 -4.76 19.98
O11 GSH X . 26.57 -4.17 20.38
O12 GSH X . 28.20 -4.41 18.89
CB1 GSH X . 29.07 -5.30 21.95
CG1 GSH X . 28.47 -4.26 22.84
CD1 GSH X . 28.99 -4.20 24.25
OE1 GSH X . 29.90 -4.96 24.62
N2 GSH X . 28.46 -3.30 25.24
CA2 GSH X . 29.08 -3.38 26.60
C2 GSH X . 28.19 -4.19 27.54
O2 GSH X . 26.97 -4.13 27.44
CB2 GSH X . 29.37 -2.03 27.15
SG2 GSH X . 29.99 -0.86 26.01
N3 GSH X . 28.81 -5.01 28.54
CA3 GSH X . 27.97 -5.79 29.45
C3 GSH X . 28.62 -6.21 30.70
O31 GSH X . 28.08 -7.09 31.43
O32 GSH X . 29.72 -5.68 31.02
#